data_4ZT5
#
_entry.id   4ZT5
#
_cell.length_a   86.794
_cell.length_b   106.021
_cell.length_c   207.659
_cell.angle_alpha   90.000
_cell.angle_beta   90.000
_cell.angle_gamma   90.000
#
_symmetry.space_group_name_H-M   'P 21 21 21'
#
loop_
_entity.id
_entity.type
_entity.pdbx_description
1 polymer 'Methionyl-tRNA synthetase'
2 non-polymer METHIONINE
3 non-polymer GLYCEROL
4 non-polymer 'DIMETHYL SULFOXIDE'
5 non-polymer 'SULFATE ION'
6 non-polymer "(2S)-N-(3,5-dichlorobenzyl)-N'-(1H-imidazo[4,5-b]pyridin-2-yl)-2-methylpropane-1,3-diamine"
7 water water
#
_entity_poly.entity_id   1
_entity_poly.type   'polypeptide(L)'
_entity_poly.pdbx_seq_one_letter_code
;GPGSMKVEKVFFVTSPIYYVNAAPHIGHVYSTLITDVIGRYHRVKGERVFALTGTDEHGQKVAEAAKQKQVSPYDFTTAV
AGEFKKCFEQMDYSIDYFIRTTNEQHKAVVKELWTKLEQKGDIYLGRYEGWYSISDESFLTPQNITDGVDKDGNPCKVSL
ESGHVVTWVSEENYMFRLSAFRERLLEWYHANPGCIVPEFRRREVIRAVEKGLPDLSVSRARATLHNWAIPVPGNPDH
(CAS)VYVWLDALTNYLTGSRLRVDESGKEVSLVDDFNELERFPADVHVIGKDILKFHAIYWPAFLLSAGLPLPKKIVAH
GWWTKDRKKISKSLGNVFDPVEKAEEFGYDALKYFLLRESGFSDDGDYSDKNMIARLNGELADTLGNLVMRCTSAKINVN
GEWPSPAAYTEEDESLIQLIKDLPGTADHYYLIPDIQKAIIAVFDVLRAINAYVTDMAPWKLVKTDPERLRTVLYITLEG
VRVTTLLLSPILPRKSVVIFDMLGVPEVHRKGIENFEFGAVPPGTRLGPAVEGEVLFSKRSTENTKST
;
_entity_poly.pdbx_strand_id   A,B
#
# COMPACT_ATOMS: atom_id res chain seq x y z
N VAL A 7 17.20 26.16 -1.27
CA VAL A 7 18.59 26.70 -1.39
C VAL A 7 19.59 25.53 -1.48
N GLU A 8 20.51 25.59 -2.44
CA GLU A 8 21.47 24.50 -2.64
C GLU A 8 22.61 24.57 -1.62
N LYS A 9 22.75 23.49 -0.86
CA LYS A 9 23.84 23.29 0.07
C LYS A 9 24.24 21.83 0.12
N VAL A 10 25.31 21.54 0.86
CA VAL A 10 25.72 20.16 1.09
C VAL A 10 24.83 19.56 2.16
N PHE A 11 24.15 18.46 1.83
CA PHE A 11 23.32 17.78 2.81
C PHE A 11 24.24 17.25 3.91
N PHE A 12 23.98 17.69 5.14
CA PHE A 12 24.85 17.40 6.29
C PHE A 12 24.10 16.54 7.29
N VAL A 13 24.55 15.29 7.44
CA VAL A 13 23.94 14.31 8.33
C VAL A 13 24.98 13.75 9.31
N THR A 14 24.59 13.62 10.58
CA THR A 14 25.52 13.24 11.66
C THR A 14 25.00 12.09 12.50
N SER A 15 25.93 11.41 13.16
CA SER A 15 25.63 10.50 14.25
C SER A 15 26.09 11.14 15.54
N PRO A 16 25.70 10.57 16.70
CA PRO A 16 26.36 11.06 17.90
C PRO A 16 27.82 10.67 17.81
N ILE A 17 28.65 11.35 18.59
CA ILE A 17 30.04 10.90 18.78
C ILE A 17 30.05 10.13 20.07
N TYR A 18 30.68 8.96 20.05
CA TYR A 18 30.48 7.95 21.09
C TYR A 18 31.58 8.01 22.14
N TYR A 19 31.19 7.85 23.39
CA TYR A 19 32.16 7.82 24.47
C TYR A 19 33.03 6.61 24.31
N VAL A 20 34.32 6.81 24.55
CA VAL A 20 35.31 5.74 24.35
C VAL A 20 35.68 5.03 25.64
N ASN A 21 34.78 4.99 26.62
CA ASN A 21 35.03 4.22 27.84
C ASN A 21 35.03 2.71 27.62
N ALA A 22 34.57 2.29 26.46
CA ALA A 22 34.30 0.88 26.20
C ALA A 22 34.22 0.63 24.71
N ALA A 23 34.27 -0.64 24.37
CA ALA A 23 34.38 -1.07 23.00
C ALA A 23 33.10 -0.77 22.24
N PRO A 24 33.20 -0.61 20.91
CA PRO A 24 31.99 -0.43 20.12
C PRO A 24 31.08 -1.66 20.20
N HIS A 25 29.77 -1.40 20.29
CA HIS A 25 28.76 -2.41 20.36
C HIS A 25 27.60 -2.03 19.43
N ILE A 26 26.55 -2.82 19.44
CA ILE A 26 25.42 -2.67 18.53
C ILE A 26 24.76 -1.27 18.51
N GLY A 27 24.55 -0.68 19.68
CA GLY A 27 24.04 0.70 19.77
C GLY A 27 24.73 1.72 18.87
N HIS A 28 26.06 1.73 18.89
CA HIS A 28 26.80 2.72 18.08
C HIS A 28 26.68 2.36 16.60
N VAL A 29 26.73 1.07 16.33
CA VAL A 29 26.61 0.55 14.98
C VAL A 29 25.25 0.94 14.37
N TYR A 30 24.19 0.77 15.15
CA TYR A 30 22.84 1.16 14.74
C TYR A 30 22.73 2.65 14.47
N SER A 31 23.15 3.49 15.41
CA SER A 31 23.05 4.94 15.23
C SER A 31 23.80 5.34 13.97
N THR A 32 25.00 4.80 13.81
CA THR A 32 25.81 5.15 12.64
C THR A 32 25.23 4.60 11.35
N LEU A 33 24.61 3.41 11.41
CA LEU A 33 23.92 2.82 10.25
C LEU A 33 22.79 3.73 9.72
N ILE A 34 21.99 4.26 10.64
CA ILE A 34 20.94 5.21 10.28
C ILE A 34 21.53 6.43 9.59
N THR A 35 22.59 6.97 10.17
CA THR A 35 23.29 8.14 9.60
C THR A 35 23.76 7.83 8.19
N ASP A 36 24.33 6.64 8.02
CA ASP A 36 24.87 6.20 6.76
C ASP A 36 23.80 6.04 5.67
N VAL A 37 22.66 5.48 6.05
CA VAL A 37 21.57 5.23 5.11
C VAL A 37 21.00 6.55 4.59
N ILE A 38 20.80 7.50 5.50
CA ILE A 38 20.31 8.82 5.13
C ILE A 38 21.31 9.46 4.17
N GLY A 39 22.59 9.44 4.53
CA GLY A 39 23.64 9.94 3.66
C GLY A 39 23.56 9.30 2.30
N ARG A 40 23.43 7.98 2.26
CA ARG A 40 23.42 7.23 1.01
C ARG A 40 22.21 7.59 0.15
N TYR A 41 21.03 7.66 0.76
CA TYR A 41 19.84 8.02 0.00
C TYR A 41 20.01 9.38 -0.68
N HIS A 42 20.56 10.38 0.02
CA HIS A 42 20.74 11.71 -0.60
C HIS A 42 21.79 11.70 -1.69
N ARG A 43 22.84 10.90 -1.52
CA ARG A 43 23.82 10.71 -2.60
C ARG A 43 23.15 10.02 -3.82
N VAL A 44 22.28 9.05 -3.57
CA VAL A 44 21.50 8.38 -4.64
C VAL A 44 20.60 9.38 -5.36
N LYS A 45 20.05 10.33 -4.62
CA LYS A 45 19.29 11.44 -5.20
C LYS A 45 20.13 12.40 -6.06
N GLY A 46 21.46 12.35 -5.94
CA GLY A 46 22.37 13.21 -6.70
C GLY A 46 22.79 14.47 -5.97
N GLU A 47 22.55 14.52 -4.66
CA GLU A 47 22.94 15.66 -3.84
C GLU A 47 24.37 15.54 -3.35
N ARG A 48 24.99 16.68 -3.05
CA ARG A 48 26.22 16.68 -2.27
C ARG A 48 25.91 16.27 -0.85
N VAL A 49 26.76 15.43 -0.28
CA VAL A 49 26.55 14.93 1.08
C VAL A 49 27.84 14.95 1.88
N PHE A 50 27.69 15.29 3.16
CA PHE A 50 28.75 15.14 4.15
C PHE A 50 28.15 14.46 5.37
N ALA A 51 28.59 13.24 5.61
CA ALA A 51 28.11 12.43 6.69
C ALA A 51 29.23 12.34 7.72
N LEU A 52 28.90 12.55 8.99
CA LEU A 52 29.85 12.66 10.07
C LEU A 52 29.56 11.63 11.17
N THR A 53 30.61 10.96 11.66
CA THR A 53 30.54 10.19 12.89
C THR A 53 31.85 10.41 13.66
N GLY A 54 31.98 9.82 14.83
CA GLY A 54 33.21 9.99 15.63
C GLY A 54 33.13 9.62 17.11
N THR A 55 34.08 10.11 17.89
CA THR A 55 34.25 9.69 19.27
C THR A 55 34.38 10.87 20.23
N ASP A 56 33.78 10.70 21.41
CA ASP A 56 33.71 11.68 22.48
C ASP A 56 34.75 11.24 23.49
N GLU A 57 35.89 11.93 23.54
CA GLU A 57 37.08 11.38 24.20
C GLU A 57 37.46 12.01 25.55
N HIS A 58 36.92 13.17 25.89
CA HIS A 58 37.26 13.80 27.16
C HIS A 58 36.31 13.38 28.27
N GLY A 59 36.59 13.86 29.47
CA GLY A 59 35.60 13.85 30.52
C GLY A 59 35.94 12.82 31.57
N GLN A 60 35.27 12.99 32.72
CA GLN A 60 35.46 12.17 33.90
C GLN A 60 35.26 10.68 33.60
N LYS A 61 34.17 10.36 32.91
CA LYS A 61 33.83 9.00 32.51
C LYS A 61 34.94 8.25 31.76
N VAL A 62 35.45 8.86 30.69
CA VAL A 62 36.57 8.29 29.94
C VAL A 62 37.84 8.18 30.79
N ALA A 63 38.20 9.24 31.50
CA ALA A 63 39.41 9.24 32.31
C ALA A 63 39.37 8.16 33.39
N GLU A 64 38.19 7.91 33.95
CA GLU A 64 38.04 6.86 34.96
C GLU A 64 38.08 5.46 34.35
N ALA A 65 37.58 5.31 33.13
CA ALA A 65 37.74 4.06 32.40
C ALA A 65 39.22 3.76 32.13
N ALA A 66 39.98 4.78 31.74
CA ALA A 66 41.42 4.66 31.55
C ALA A 66 42.15 4.26 32.84
N LYS A 67 41.81 4.90 33.96
CA LYS A 67 42.42 4.57 35.26
C LYS A 67 42.12 3.13 35.67
N GLN A 68 40.91 2.67 35.40
CA GLN A 68 40.54 1.26 35.65
C GLN A 68 41.42 0.32 34.83
N LYS A 69 41.56 0.59 33.53
CA LYS A 69 42.42 -0.21 32.66
C LYS A 69 43.92 -0.03 32.96
N GLN A 70 44.25 0.93 33.82
CA GLN A 70 45.63 1.19 34.25
C GLN A 70 46.52 1.66 33.11
N VAL A 71 46.00 2.59 32.31
CA VAL A 71 46.76 3.15 31.19
C VAL A 71 46.38 4.64 31.03
N SER A 72 47.25 5.43 30.38
CA SER A 72 47.03 6.88 30.30
C SER A 72 45.82 7.20 29.43
N PRO A 73 45.09 8.28 29.78
CA PRO A 73 43.92 8.64 28.96
C PRO A 73 44.24 8.82 27.48
N TYR A 74 45.43 9.34 27.17
CA TYR A 74 45.82 9.54 25.78
C TYR A 74 45.93 8.21 25.03
N ASP A 75 46.57 7.24 25.67
CA ASP A 75 46.77 5.92 25.05
C ASP A 75 45.43 5.24 24.90
N PHE A 76 44.64 5.31 25.97
CA PHE A 76 43.37 4.63 26.03
C PHE A 76 42.44 5.12 24.93
N THR A 77 42.25 6.43 24.82
CA THR A 77 41.35 7.00 23.82
C THR A 77 41.81 6.68 22.41
N THR A 78 43.10 6.79 22.14
CA THR A 78 43.61 6.55 20.79
C THR A 78 43.33 5.11 20.37
N ALA A 79 43.55 4.17 21.29
CA ALA A 79 43.30 2.76 21.01
C ALA A 79 41.82 2.49 20.77
N VAL A 80 40.96 2.96 21.68
CA VAL A 80 39.54 2.69 21.56
C VAL A 80 38.96 3.36 20.32
N ALA A 81 39.39 4.58 20.02
CA ALA A 81 39.00 5.24 18.78
C ALA A 81 39.34 4.37 17.58
N GLY A 82 40.54 3.77 17.61
CA GLY A 82 40.94 2.82 16.58
C GLY A 82 39.97 1.65 16.42
N GLU A 83 39.47 1.11 17.53
CA GLU A 83 38.50 0.03 17.51
C GLU A 83 37.17 0.47 16.88
N PHE A 84 36.75 1.71 17.13
CA PHE A 84 35.55 2.26 16.48
C PHE A 84 35.75 2.38 14.97
N LYS A 85 36.92 2.82 14.54
CA LYS A 85 37.17 3.00 13.11
C LYS A 85 37.17 1.67 12.40
N LYS A 86 37.89 0.71 12.97
CA LYS A 86 37.95 -0.64 12.43
C LYS A 86 36.55 -1.20 12.28
N CYS A 87 35.75 -1.05 13.34
CA CYS A 87 34.37 -1.52 13.35
C CYS A 87 33.55 -0.91 12.21
N PHE A 88 33.61 0.42 12.06
CA PHE A 88 32.84 1.10 11.02
C PHE A 88 33.35 0.80 9.59
N GLU A 89 34.64 0.52 9.46
CA GLU A 89 35.16 0.00 8.19
C GLU A 89 34.61 -1.39 7.92
N GLN A 90 34.68 -2.26 8.92
CA GLN A 90 34.17 -3.62 8.79
C GLN A 90 32.71 -3.64 8.40
N MET A 91 31.93 -2.71 8.95
CA MET A 91 30.50 -2.63 8.71
C MET A 91 30.15 -2.04 7.34
N ASP A 92 31.13 -1.53 6.61
CA ASP A 92 30.95 -1.08 5.24
C ASP A 92 30.04 0.14 5.14
N TYR A 93 30.26 1.09 6.04
CA TYR A 93 29.56 2.37 5.98
C TYR A 93 30.22 3.26 4.92
N SER A 94 29.62 4.41 4.67
CA SER A 94 30.20 5.39 3.76
C SER A 94 30.14 6.77 4.42
N ILE A 95 30.76 6.86 5.58
CA ILE A 95 30.81 8.08 6.35
C ILE A 95 31.96 8.89 5.79
N ASP A 96 31.72 10.17 5.55
CA ASP A 96 32.73 11.03 4.95
C ASP A 96 33.89 11.38 5.89
N TYR A 97 33.62 11.50 7.18
CA TYR A 97 34.68 11.86 8.13
C TYR A 97 34.44 11.32 9.55
N PHE A 98 35.52 10.89 10.20
CA PHE A 98 35.49 10.36 11.57
C PHE A 98 36.18 11.37 12.50
N ILE A 99 35.41 12.07 13.33
CA ILE A 99 35.97 13.13 14.17
C ILE A 99 36.29 12.65 15.59
N ARG A 100 37.38 13.18 16.15
CA ARG A 100 37.79 12.91 17.53
C ARG A 100 37.89 14.22 18.28
N THR A 101 37.34 14.27 19.49
CA THR A 101 37.32 15.50 20.24
C THR A 101 38.70 15.87 20.78
N THR A 102 39.65 14.94 20.76
CA THR A 102 41.05 15.23 21.06
C THR A 102 41.78 16.00 19.95
N ASN A 103 41.14 16.10 18.78
CA ASN A 103 41.71 16.83 17.65
C ASN A 103 41.90 18.32 17.98
N GLU A 104 43.07 18.83 17.64
CA GLU A 104 43.45 20.20 18.00
C GLU A 104 42.54 21.22 17.30
N GLN A 105 42.08 20.91 16.08
CA GLN A 105 41.20 21.84 15.36
C GLN A 105 39.85 21.90 16.04
N HIS A 106 39.35 20.77 16.51
CA HIS A 106 38.12 20.75 17.30
C HIS A 106 38.25 21.57 18.58
N LYS A 107 39.37 21.41 19.27
CA LYS A 107 39.63 22.16 20.49
C LYS A 107 39.57 23.66 20.23
N ALA A 108 40.15 24.08 19.12
CA ALA A 108 40.14 25.48 18.70
C ALA A 108 38.72 25.99 18.50
N VAL A 109 37.90 25.18 17.87
CA VAL A 109 36.51 25.54 17.60
C VAL A 109 35.75 25.69 18.92
N VAL A 110 36.00 24.76 19.84
CA VAL A 110 35.37 24.83 21.15
C VAL A 110 35.71 26.15 21.85
N LYS A 111 36.98 26.52 21.81
CA LYS A 111 37.42 27.77 22.42
C LYS A 111 36.75 28.98 21.77
N GLU A 112 36.66 28.98 20.44
CA GLU A 112 35.97 30.07 19.72
C GLU A 112 34.52 30.19 20.18
N LEU A 113 33.83 29.06 20.24
CA LEU A 113 32.42 29.06 20.62
C LEU A 113 32.25 29.52 22.06
N TRP A 114 33.07 28.98 22.95
CA TRP A 114 33.03 29.41 24.34
C TRP A 114 33.17 30.93 24.41
N THR A 115 34.22 31.44 23.79
CA THR A 115 34.51 32.86 23.82
C THR A 115 33.35 33.68 23.27
N LYS A 116 32.70 33.16 22.24
CA LYS A 116 31.55 33.83 21.65
C LYS A 116 30.40 33.92 22.66
N LEU A 117 30.09 32.82 23.29
CA LEU A 117 29.05 32.80 24.33
C LEU A 117 29.33 33.80 25.47
N GLU A 118 30.61 33.91 25.83
CA GLU A 118 31.02 34.75 26.94
C GLU A 118 30.86 36.22 26.55
N GLN A 119 31.30 36.55 25.35
CA GLN A 119 31.17 37.92 24.83
C GLN A 119 29.73 38.36 24.69
N LYS A 120 28.88 37.43 24.29
CA LYS A 120 27.45 37.66 24.19
C LYS A 120 26.78 37.86 25.56
N GLY A 121 27.49 37.57 26.64
CA GLY A 121 26.96 37.79 28.00
C GLY A 121 26.25 36.58 28.58
N ASP A 122 26.29 35.45 27.87
CA ASP A 122 25.51 34.26 28.24
C ASP A 122 26.25 33.25 29.12
N ILE A 123 27.52 33.53 29.43
CA ILE A 123 28.27 32.75 30.44
C ILE A 123 28.72 33.61 31.68
N TYR A 124 28.33 33.17 32.88
CA TYR A 124 28.72 33.77 34.16
C TYR A 124 29.29 32.74 35.14
N LEU A 125 30.04 33.22 36.12
CA LEU A 125 30.64 32.38 37.16
C LEU A 125 29.62 32.19 38.28
N GLY A 126 29.32 30.94 38.61
CA GLY A 126 28.35 30.61 39.63
C GLY A 126 28.70 29.32 40.34
N ARG A 127 27.68 28.61 40.85
CA ARG A 127 27.84 27.28 41.47
C ARG A 127 26.80 26.31 40.97
N TYR A 128 27.20 25.05 40.79
CA TYR A 128 26.26 23.95 40.73
C TYR A 128 26.35 23.21 42.04
N GLU A 129 25.21 23.04 42.68
CA GLU A 129 25.08 22.14 43.81
C GLU A 129 23.91 21.21 43.53
N GLY A 130 24.18 19.95 43.25
CA GLY A 130 23.14 19.02 42.87
C GLY A 130 23.65 17.67 42.44
N TRP A 131 22.75 16.84 41.92
CA TRP A 131 23.11 15.49 41.51
C TRP A 131 23.74 15.47 40.12
N TYR A 132 24.58 14.47 39.88
CA TYR A 132 25.24 14.29 38.60
C TYR A 132 25.45 12.80 38.34
N SER A 133 25.11 12.38 37.13
CA SER A 133 25.46 11.05 36.65
C SER A 133 26.70 11.19 35.81
N ILE A 134 27.81 10.66 36.32
CA ILE A 134 29.08 10.69 35.60
C ILE A 134 29.00 9.84 34.32
N SER A 135 28.34 8.68 34.42
CA SER A 135 28.17 7.77 33.29
C SER A 135 27.37 8.41 32.14
N ASP A 136 26.42 9.29 32.47
CA ASP A 136 25.66 10.02 31.45
C ASP A 136 26.19 11.44 31.22
N GLU A 137 27.17 11.86 32.02
CA GLU A 137 27.72 13.22 31.96
C GLU A 137 26.59 14.25 32.03
N SER A 138 25.61 13.94 32.87
CA SER A 138 24.36 14.67 32.94
C SER A 138 24.03 15.22 34.34
N PHE A 139 23.62 16.48 34.38
CA PHE A 139 23.08 17.07 35.60
C PHE A 139 21.62 16.64 35.76
N LEU A 140 21.25 16.30 36.99
CA LEU A 140 19.90 15.83 37.28
C LEU A 140 19.34 16.59 38.48
N THR A 141 18.03 16.77 38.48
CA THR A 141 17.33 17.33 39.64
C THR A 141 16.93 16.20 40.59
N PRO A 142 16.52 16.53 41.82
CA PRO A 142 16.10 15.47 42.77
C PRO A 142 14.95 14.60 42.27
N GLN A 143 14.09 15.15 41.42
CA GLN A 143 12.95 14.43 40.83
C GLN A 143 13.42 13.31 39.90
N ASN A 144 14.61 13.48 39.33
CA ASN A 144 15.16 12.51 38.39
C ASN A 144 16.08 11.46 38.99
N ILE A 145 16.16 11.41 40.31
CA ILE A 145 16.92 10.34 40.99
C ILE A 145 16.01 9.50 41.85
N THR A 146 16.50 8.33 42.25
CA THR A 146 15.80 7.46 43.19
C THR A 146 16.81 6.50 43.84
N ASP A 147 16.32 5.60 44.70
CA ASP A 147 17.18 4.63 45.40
C ASP A 147 17.52 3.41 44.55
N GLY A 148 18.72 2.87 44.75
CA GLY A 148 19.18 1.67 44.05
C GLY A 148 20.48 1.16 44.60
N VAL A 149 21.25 0.45 43.76
CA VAL A 149 22.52 -0.16 44.20
C VAL A 149 23.64 -0.04 43.16
N ASP A 150 24.88 -0.20 43.66
CA ASP A 150 26.09 -0.16 42.84
C ASP A 150 26.71 -1.56 42.70
N LYS A 151 27.79 -1.68 41.94
CA LYS A 151 28.49 -2.96 41.76
C LYS A 151 28.85 -3.64 43.09
N ASP A 152 29.13 -2.85 44.12
CA ASP A 152 29.38 -3.37 45.48
C ASP A 152 28.10 -3.79 46.23
N GLY A 153 26.93 -3.58 45.61
CA GLY A 153 25.64 -3.91 46.19
C GLY A 153 25.24 -3.02 47.36
N ASN A 154 25.78 -1.80 47.42
CA ASN A 154 25.48 -0.87 48.51
C ASN A 154 24.30 0.05 48.19
N PRO A 155 23.59 0.51 49.23
CA PRO A 155 22.51 1.47 49.00
C PRO A 155 23.05 2.80 48.49
N CYS A 156 22.73 3.14 47.25
CA CYS A 156 23.16 4.40 46.65
C CYS A 156 21.99 5.05 45.95
N LYS A 157 22.25 6.20 45.34
CA LYS A 157 21.24 6.87 44.52
C LYS A 157 21.55 6.61 43.05
N VAL A 158 20.50 6.46 42.25
CA VAL A 158 20.64 6.19 40.83
C VAL A 158 19.79 7.13 40.00
N SER A 159 20.12 7.25 38.71
CA SER A 159 19.35 8.05 37.76
C SER A 159 18.03 7.38 37.41
N LEU A 160 16.94 8.14 37.38
CA LEU A 160 15.66 7.64 36.86
C LEU A 160 15.74 7.48 35.34
N GLU A 161 16.51 8.35 34.69
CA GLU A 161 16.72 8.26 33.25
C GLU A 161 17.34 6.89 32.95
N SER A 162 18.53 6.64 33.50
CA SER A 162 19.40 5.57 33.03
C SER A 162 19.72 4.45 34.01
N GLY A 163 19.50 4.69 35.30
CA GLY A 163 19.81 3.69 36.33
C GLY A 163 21.26 3.68 36.79
N HIS A 164 22.06 4.62 36.30
CA HIS A 164 23.46 4.72 36.71
C HIS A 164 23.59 5.48 38.02
N VAL A 165 24.69 5.24 38.73
CA VAL A 165 24.92 5.84 40.02
C VAL A 165 25.08 7.34 39.88
N VAL A 166 24.42 8.08 40.77
CA VAL A 166 24.55 9.55 40.80
C VAL A 166 25.32 10.02 42.04
N THR A 167 25.97 11.17 41.91
CA THR A 167 26.79 11.72 42.97
C THR A 167 26.41 13.19 43.20
N TRP A 168 26.57 13.65 44.43
CA TRP A 168 26.31 15.06 44.75
C TRP A 168 27.56 15.88 44.43
N VAL A 169 27.40 16.92 43.64
CA VAL A 169 28.49 17.79 43.28
C VAL A 169 28.24 19.17 43.86
N SER A 170 29.25 19.77 44.47
CA SER A 170 29.19 21.16 44.90
C SER A 170 30.46 21.85 44.45
N GLU A 171 30.36 22.65 43.39
CA GLU A 171 31.51 23.25 42.73
C GLU A 171 31.17 24.63 42.19
N GLU A 172 32.12 25.56 42.32
CA GLU A 172 32.05 26.84 41.64
C GLU A 172 32.28 26.56 40.17
N ASN A 173 31.30 26.86 39.32
CA ASN A 173 31.35 26.52 37.91
C ASN A 173 30.96 27.72 37.04
N TYR A 174 31.46 27.74 35.81
CA TYR A 174 30.93 28.61 34.77
C TYR A 174 29.55 28.13 34.40
N MET A 175 28.59 29.03 34.39
CA MET A 175 27.19 28.73 34.14
C MET A 175 26.75 29.37 32.84
N PHE A 176 26.07 28.60 32.00
CA PHE A 176 25.42 29.11 30.79
C PHE A 176 23.98 29.47 31.10
N ARG A 177 23.54 30.65 30.64
CA ARG A 177 22.23 31.21 30.98
C ARG A 177 21.08 30.56 30.21
N LEU A 178 20.95 29.25 30.35
CA LEU A 178 19.96 28.48 29.60
C LEU A 178 18.54 28.99 29.84
N SER A 179 18.25 29.39 31.07
CA SER A 179 16.94 29.92 31.44
C SER A 179 16.49 31.07 30.52
N ALA A 180 17.45 31.84 30.03
CA ALA A 180 17.14 32.99 29.18
C ALA A 180 16.62 32.60 27.81
N PHE A 181 16.76 31.31 27.45
CA PHE A 181 16.45 30.83 26.11
C PHE A 181 15.12 30.05 25.99
N ARG A 182 14.38 29.95 27.08
CA ARG A 182 13.12 29.21 27.09
C ARG A 182 12.12 29.68 26.03
N GLU A 183 11.80 30.97 25.98
CA GLU A 183 10.83 31.48 25.01
C GLU A 183 11.29 31.18 23.58
N ARG A 184 12.54 31.51 23.28
CA ARG A 184 13.09 31.33 21.95
C ARG A 184 13.09 29.86 21.53
N LEU A 185 13.32 28.94 22.46
CA LEU A 185 13.29 27.52 22.12
C LEU A 185 11.87 27.07 21.83
N LEU A 186 10.92 27.49 22.66
CA LEU A 186 9.53 27.19 22.43
C LEU A 186 9.07 27.73 21.06
N GLU A 187 9.40 28.99 20.77
CA GLU A 187 9.12 29.58 19.46
C GLU A 187 9.67 28.71 18.34
N TRP A 188 10.87 28.19 18.53
CA TRP A 188 11.50 27.36 17.50
C TRP A 188 10.77 26.03 17.30
N TYR A 189 10.45 25.35 18.38
CA TYR A 189 9.71 24.09 18.31
C TYR A 189 8.37 24.26 17.58
N HIS A 190 7.67 25.36 17.89
CA HIS A 190 6.34 25.59 17.34
C HIS A 190 6.36 26.02 15.89
N ALA A 191 7.36 26.81 15.50
CA ALA A 191 7.47 27.29 14.13
C ALA A 191 8.01 26.19 13.20
N ASN A 192 8.64 25.18 13.78
CA ASN A 192 9.23 24.09 12.98
C ASN A 192 8.79 22.75 13.54
N PRO A 193 7.50 22.42 13.37
CA PRO A 193 6.93 21.24 14.02
C PRO A 193 7.46 19.90 13.52
N GLY A 194 8.33 19.90 12.51
CA GLY A 194 9.03 18.71 12.10
C GLY A 194 10.49 18.67 12.51
N CYS A 195 10.91 19.57 13.40
CA CYS A 195 12.31 19.67 13.76
C CYS A 195 12.76 18.55 14.70
N ILE A 196 11.84 17.89 15.39
CA ILE A 196 12.16 16.74 16.23
C ILE A 196 11.27 15.57 15.87
N VAL A 197 11.87 14.43 15.58
CA VAL A 197 11.18 13.20 15.17
C VAL A 197 11.62 12.04 16.06
N PRO A 198 10.70 11.18 16.49
CA PRO A 198 9.29 11.23 16.14
C PRO A 198 8.51 12.24 16.98
N GLU A 199 7.25 12.43 16.61
CA GLU A 199 6.42 13.49 17.15
C GLU A 199 6.26 13.41 18.67
N PHE A 200 6.10 12.21 19.22
CA PHE A 200 5.92 12.10 20.67
C PHE A 200 7.17 12.54 21.44
N ARG A 201 8.35 12.42 20.82
CA ARG A 201 9.57 12.93 21.44
C ARG A 201 9.62 14.43 21.34
N ARG A 202 9.11 14.97 20.25
CA ARG A 202 8.95 16.41 20.14
C ARG A 202 8.03 16.95 21.25
N ARG A 203 6.90 16.28 21.51
CA ARG A 203 6.00 16.70 22.57
C ARG A 203 6.70 16.70 23.94
N GLU A 204 7.49 15.66 24.20
CA GLU A 204 8.25 15.56 25.45
C GLU A 204 9.18 16.74 25.66
N VAL A 205 9.91 17.13 24.62
CA VAL A 205 10.84 18.24 24.71
C VAL A 205 10.09 19.53 25.01
N ILE A 206 8.99 19.74 24.31
CA ILE A 206 8.17 20.93 24.51
C ILE A 206 7.67 20.99 25.95
N ARG A 207 7.10 19.90 26.46
CA ARG A 207 6.57 19.88 27.83
C ARG A 207 7.67 20.21 28.84
N ALA A 208 8.86 19.65 28.64
CA ALA A 208 9.98 19.89 29.55
C ALA A 208 10.39 21.36 29.59
N VAL A 209 10.51 21.97 28.41
CA VAL A 209 10.91 23.37 28.30
C VAL A 209 9.82 24.30 28.82
N GLU A 210 8.57 23.96 28.54
CA GLU A 210 7.43 24.74 29.06
C GLU A 210 7.49 24.86 30.59
N LYS A 211 7.88 23.77 31.25
CA LYS A 211 7.93 23.73 32.71
C LYS A 211 8.94 24.72 33.31
N GLY A 212 10.01 25.01 32.57
CA GLY A 212 11.01 25.98 32.99
C GLY A 212 12.38 25.40 32.79
N LEU A 213 13.38 26.27 32.59
CA LEU A 213 14.75 25.82 32.39
C LEU A 213 15.66 26.44 33.42
N PRO A 214 16.46 25.61 34.10
CA PRO A 214 17.52 26.13 34.92
C PRO A 214 18.73 26.53 34.05
N ASP A 215 19.64 27.32 34.62
CA ASP A 215 20.93 27.56 33.98
C ASP A 215 21.76 26.29 34.06
N LEU A 216 22.78 26.21 33.21
CA LEU A 216 23.49 24.95 32.98
C LEU A 216 24.97 25.13 33.24
N SER A 217 25.53 24.23 34.05
CA SER A 217 26.96 24.27 34.30
C SER A 217 27.72 23.86 33.05
N VAL A 218 28.60 24.74 32.56
CA VAL A 218 29.40 24.44 31.38
C VAL A 218 30.90 24.34 31.64
N SER A 219 31.30 24.41 32.90
CA SER A 219 32.65 24.04 33.30
C SER A 219 32.64 23.19 34.56
N ARG A 220 33.79 22.59 34.84
CA ARG A 220 34.03 21.84 36.07
C ARG A 220 35.44 22.15 36.51
N ALA A 221 35.69 22.02 37.81
CA ALA A 221 37.05 22.12 38.36
C ALA A 221 37.92 21.06 37.69
N ARG A 222 39.15 21.41 37.36
CA ARG A 222 40.03 20.50 36.60
C ARG A 222 40.37 19.21 37.34
N ALA A 223 40.55 19.30 38.66
CA ALA A 223 40.80 18.12 39.48
C ALA A 223 39.70 17.06 39.28
N THR A 224 38.45 17.52 39.29
CA THR A 224 37.31 16.63 39.14
C THR A 224 37.38 15.75 37.89
N LEU A 225 37.82 16.34 36.78
CA LEU A 225 37.90 15.60 35.50
C LEU A 225 39.29 15.00 35.26
N HIS A 226 40.14 14.99 36.28
CA HIS A 226 41.49 14.45 36.16
C HIS A 226 42.26 15.15 35.03
N ASN A 227 41.99 16.44 34.87
CA ASN A 227 42.62 17.26 33.84
C ASN A 227 42.45 16.73 32.41
N TRP A 228 41.42 15.91 32.18
CA TRP A 228 41.23 15.27 30.89
C TRP A 228 40.05 15.91 30.15
N ALA A 229 40.28 17.12 29.69
CA ALA A 229 39.26 17.95 29.09
C ALA A 229 39.91 19.20 28.49
N ILE A 230 39.09 20.04 27.87
CA ILE A 230 39.57 21.26 27.23
C ILE A 230 39.56 22.42 28.24
N PRO A 231 40.70 23.12 28.42
CA PRO A 231 40.70 24.24 29.36
C PRO A 231 39.80 25.37 28.95
N VAL A 232 39.18 26.00 29.92
CA VAL A 232 38.41 27.21 29.67
C VAL A 232 39.35 28.31 29.26
N PRO A 233 39.06 29.01 28.14
CA PRO A 233 39.91 30.12 27.71
C PRO A 233 40.00 31.21 28.78
N GLY A 234 41.22 31.55 29.15
CA GLY A 234 41.46 32.57 30.16
C GLY A 234 41.23 32.11 31.59
N ASN A 235 41.04 30.81 31.79
CA ASN A 235 40.95 30.26 33.15
C ASN A 235 41.29 28.77 33.18
N PRO A 236 42.58 28.43 33.23
CA PRO A 236 42.99 27.02 33.19
C PRO A 236 42.66 26.21 34.45
N ASP A 237 42.08 26.83 35.48
CA ASP A 237 41.56 26.06 36.62
C ASP A 237 40.26 25.31 36.28
N HIS A 238 39.61 25.71 35.19
CA HIS A 238 38.37 25.09 34.76
C HIS A 238 38.49 24.40 33.41
N VAL A 240 36.12 22.74 30.09
CA VAL A 240 34.84 22.82 29.42
C VAL A 240 34.05 21.52 29.61
N TYR A 241 32.81 21.67 30.06
CA TYR A 241 31.82 20.61 30.13
C TYR A 241 31.92 19.70 28.93
N VAL A 242 32.01 18.39 29.19
CA VAL A 242 32.22 17.43 28.13
C VAL A 242 31.13 17.52 27.03
N TRP A 243 29.89 17.83 27.40
CA TRP A 243 28.79 17.99 26.40
C TRP A 243 28.87 19.23 25.51
N LEU A 244 29.33 20.37 26.02
CA LEU A 244 29.54 21.55 25.16
C LEU A 244 30.66 21.27 24.17
N ASP A 245 31.69 20.64 24.71
CA ASP A 245 32.82 20.04 23.96
C ASP A 245 32.25 19.12 22.88
N ALA A 246 31.47 18.13 23.30
CA ALA A 246 31.00 17.09 22.39
C ALA A 246 30.07 17.63 21.31
N LEU A 247 29.09 18.42 21.71
CA LEU A 247 28.11 18.93 20.76
C LEU A 247 28.77 19.78 19.69
N THR A 248 29.84 20.45 20.08
CA THR A 248 30.53 21.35 19.18
C THR A 248 31.14 20.58 18.00
N ASN A 249 31.27 19.26 18.12
CA ASN A 249 31.86 18.45 17.05
C ASN A 249 31.15 18.65 15.72
N TYR A 250 29.85 18.83 15.77
CA TYR A 250 29.06 19.03 14.57
C TYR A 250 29.53 20.29 13.84
N LEU A 251 29.79 21.35 14.62
CA LEU A 251 30.31 22.59 14.07
C LEU A 251 31.73 22.39 13.52
N THR A 252 32.58 21.72 14.29
CA THR A 252 33.94 21.46 13.83
C THR A 252 33.91 20.66 12.53
N GLY A 253 33.16 19.58 12.50
CA GLY A 253 33.04 18.76 11.29
C GLY A 253 32.61 19.59 10.09
N SER A 254 31.70 20.52 10.32
CA SER A 254 31.19 21.38 9.27
C SER A 254 32.27 22.31 8.71
N ARG A 255 33.42 22.40 9.39
CA ARG A 255 34.48 23.34 9.01
C ARG A 255 35.81 22.69 8.59
N LEU A 256 35.86 21.37 8.48
CA LEU A 256 37.08 20.67 8.10
C LEU A 256 37.11 20.32 6.63
N ARG A 257 38.11 20.82 5.90
CA ARG A 257 38.42 20.28 4.59
C ARG A 257 39.05 18.91 4.79
N VAL A 258 38.59 17.92 4.02
CA VAL A 258 39.05 16.54 4.17
C VAL A 258 39.58 16.03 2.83
N ASP A 259 40.71 15.32 2.86
CA ASP A 259 41.35 14.79 1.64
C ASP A 259 40.71 13.47 1.21
N GLU A 260 41.20 12.90 0.11
CA GLU A 260 40.70 11.63 -0.45
C GLU A 260 40.81 10.45 0.54
N SER A 261 41.86 10.45 1.37
CA SER A 261 42.07 9.38 2.35
C SER A 261 41.22 9.52 3.62
N GLY A 262 40.57 10.68 3.81
CA GLY A 262 39.71 10.91 4.97
C GLY A 262 40.38 11.63 6.14
N LYS A 263 41.64 12.05 5.97
CA LYS A 263 42.32 12.84 6.99
C LYS A 263 41.95 14.32 6.84
N GLU A 264 41.70 14.98 7.97
CA GLU A 264 41.42 16.41 7.99
C GLU A 264 42.68 17.16 7.64
N VAL A 265 42.58 18.11 6.72
CA VAL A 265 43.75 18.86 6.26
C VAL A 265 43.72 20.36 6.60
N SER A 266 42.57 20.88 7.04
CA SER A 266 42.42 22.31 7.19
C SER A 266 41.11 22.67 7.89
N LEU A 267 41.16 23.64 8.80
CA LEU A 267 39.97 24.17 9.44
C LEU A 267 39.70 25.55 8.87
N VAL A 268 38.53 25.74 8.25
CA VAL A 268 38.19 27.06 7.73
C VAL A 268 37.61 27.97 8.80
N ASP A 269 37.76 29.27 8.59
CA ASP A 269 37.31 30.28 9.56
C ASP A 269 35.79 30.42 9.62
N ASP A 270 35.16 30.33 8.45
CA ASP A 270 33.73 30.62 8.29
C ASP A 270 33.04 29.36 7.78
N PHE A 271 32.11 28.82 8.57
CA PHE A 271 31.41 27.58 8.18
C PHE A 271 30.78 27.65 6.79
N ASN A 272 30.26 28.83 6.42
CA ASN A 272 29.66 29.02 5.11
C ASN A 272 30.55 28.59 3.96
N GLU A 273 31.87 28.62 4.16
CA GLU A 273 32.81 28.23 3.10
C GLU A 273 32.57 26.79 2.60
N LEU A 274 32.19 25.88 3.49
CA LEU A 274 31.96 24.49 3.11
C LEU A 274 30.50 24.09 2.91
N GLU A 275 29.58 25.02 3.22
CA GLU A 275 28.14 24.82 2.93
C GLU A 275 27.51 23.61 3.65
N ARG A 276 28.03 23.26 4.82
CA ARG A 276 27.50 22.10 5.57
C ARG A 276 26.62 22.52 6.73
N PHE A 277 27.12 23.48 7.52
CA PHE A 277 26.40 23.89 8.73
C PHE A 277 25.16 24.70 8.36
N PRO A 278 24.02 24.51 9.05
CA PRO A 278 23.83 23.56 10.15
C PRO A 278 23.42 22.18 9.65
N ALA A 279 23.37 21.21 10.56
CA ALA A 279 22.99 19.87 10.19
C ALA A 279 21.56 19.86 9.63
N ASP A 280 21.39 19.11 8.55
CA ASP A 280 20.06 18.82 8.02
C ASP A 280 19.38 17.78 8.91
N VAL A 281 20.16 16.84 9.41
CA VAL A 281 19.67 15.78 10.28
C VAL A 281 20.74 15.38 11.29
N HIS A 282 20.45 15.58 12.57
CA HIS A 282 21.20 14.97 13.64
C HIS A 282 20.52 13.66 14.06
N VAL A 283 21.16 12.52 13.81
CA VAL A 283 20.68 11.22 14.30
C VAL A 283 21.20 11.00 15.72
N ILE A 284 20.31 10.66 16.64
CA ILE A 284 20.68 10.36 18.02
C ILE A 284 19.81 9.27 18.61
N GLY A 285 20.26 8.73 19.73
CA GLY A 285 19.43 7.87 20.55
C GLY A 285 18.58 8.71 21.49
N LYS A 286 17.46 8.15 21.94
CA LYS A 286 16.55 8.85 22.86
C LYS A 286 17.22 9.29 24.15
N ASP A 287 18.25 8.55 24.57
CA ASP A 287 18.99 8.90 25.79
C ASP A 287 19.67 10.29 25.79
N ILE A 288 19.92 10.89 24.62
CA ILE A 288 20.60 12.19 24.59
C ILE A 288 19.79 13.30 23.93
N LEU A 289 18.48 13.15 24.00
CA LEU A 289 17.56 14.08 23.38
C LEU A 289 17.68 15.48 23.98
N LYS A 290 17.71 15.58 25.31
CA LYS A 290 17.75 16.91 25.95
C LYS A 290 18.96 17.72 25.51
N PHE A 291 20.07 17.02 25.29
CA PHE A 291 21.33 17.70 24.98
C PHE A 291 21.25 18.31 23.57
N HIS A 292 20.63 17.58 22.65
CA HIS A 292 20.56 17.97 21.25
C HIS A 292 19.37 18.88 20.93
N ALA A 293 18.26 18.72 21.63
CA ALA A 293 17.05 19.51 21.35
C ALA A 293 16.85 20.72 22.29
N ILE A 294 17.64 20.81 23.36
CA ILE A 294 17.54 21.92 24.31
C ILE A 294 18.87 22.66 24.41
N TYR A 295 19.92 21.99 24.86
CA TYR A 295 21.19 22.68 25.10
C TYR A 295 21.77 23.22 23.79
N TRP A 296 21.99 22.31 22.86
CA TRP A 296 22.62 22.61 21.58
C TRP A 296 21.99 23.83 20.91
N PRO A 297 20.67 23.83 20.72
CA PRO A 297 20.11 24.99 20.02
C PRO A 297 20.21 26.29 20.85
N ALA A 298 20.15 26.17 22.17
CA ALA A 298 20.36 27.33 23.03
C ALA A 298 21.75 27.93 22.82
N PHE A 299 22.77 27.07 22.71
CA PHE A 299 24.15 27.52 22.44
C PHE A 299 24.24 28.23 21.10
N LEU A 300 23.57 27.66 20.10
CA LEU A 300 23.62 28.17 18.74
C LEU A 300 22.91 29.51 18.70
N LEU A 301 21.79 29.62 19.42
CA LEU A 301 21.07 30.89 19.52
C LEU A 301 21.92 31.95 20.18
N SER A 302 22.65 31.58 21.22
CA SER A 302 23.52 32.52 21.92
C SER A 302 24.62 33.02 20.98
N ALA A 303 25.21 32.10 20.23
CA ALA A 303 26.29 32.44 19.30
C ALA A 303 25.83 33.12 18.00
N GLY A 304 24.52 33.14 17.76
CA GLY A 304 23.99 33.64 16.48
C GLY A 304 24.28 32.70 15.31
N LEU A 305 24.30 31.40 15.58
CA LEU A 305 24.56 30.39 14.54
C LEU A 305 23.24 29.75 14.12
N PRO A 306 23.15 29.26 12.87
CA PRO A 306 21.89 28.67 12.41
C PRO A 306 21.58 27.34 13.08
N LEU A 307 20.29 27.03 13.23
CA LEU A 307 19.85 25.85 13.94
C LEU A 307 19.71 24.66 12.99
N PRO A 308 19.88 23.45 13.53
CA PRO A 308 19.69 22.26 12.71
C PRO A 308 18.25 22.13 12.23
N LYS A 309 18.05 21.45 11.10
CA LYS A 309 16.71 21.30 10.55
C LYS A 309 15.93 20.20 11.26
N LYS A 310 16.56 19.07 11.51
CA LYS A 310 15.88 17.91 12.08
C LYS A 310 16.77 17.17 13.05
N ILE A 311 16.18 16.78 14.17
CA ILE A 311 16.81 15.87 15.10
C ILE A 311 15.94 14.63 15.08
N VAL A 312 16.52 13.49 14.73
CA VAL A 312 15.78 12.24 14.80
C VAL A 312 16.35 11.36 15.91
N ALA A 313 15.49 11.00 16.85
CA ALA A 313 15.89 10.24 18.02
C ALA A 313 15.24 8.87 17.95
N HIS A 314 16.07 7.84 17.89
CA HIS A 314 15.56 6.47 17.76
C HIS A 314 15.36 5.80 19.12
N GLY A 315 14.78 4.60 19.07
CA GLY A 315 14.21 3.98 20.25
C GLY A 315 15.23 3.22 21.06
N TRP A 316 16.43 3.07 20.52
CA TRP A 316 17.49 2.41 21.24
C TRP A 316 18.16 3.38 22.20
N TRP A 317 18.93 2.82 23.12
CA TRP A 317 19.91 3.60 23.85
C TRP A 317 21.21 3.64 23.05
N THR A 318 21.90 4.76 23.15
CA THR A 318 23.21 4.89 22.53
C THR A 318 24.16 3.99 23.33
N LYS A 319 23.93 3.89 24.63
CA LYS A 319 24.75 3.10 25.53
C LYS A 319 23.90 2.09 26.29
N GLY A 329 24.91 -11.79 30.44
CA GLY A 329 24.92 -13.01 29.66
C GLY A 329 23.99 -12.98 28.45
N ASN A 330 24.00 -11.87 27.71
CA ASN A 330 23.23 -11.76 26.48
C ASN A 330 23.92 -10.84 25.47
N VAL A 331 24.95 -11.39 24.82
CA VAL A 331 25.78 -10.64 23.88
C VAL A 331 25.10 -10.53 22.52
N PHE A 332 25.30 -9.40 21.86
CA PHE A 332 24.84 -9.21 20.48
C PHE A 332 25.89 -8.43 19.68
N ASP A 333 26.71 -9.17 18.93
CA ASP A 333 27.83 -8.61 18.17
C ASP A 333 27.44 -8.50 16.70
N PRO A 334 27.38 -7.26 16.16
CA PRO A 334 26.95 -7.09 14.79
C PRO A 334 27.91 -7.62 13.73
N VAL A 335 29.22 -7.52 13.96
CA VAL A 335 30.19 -8.05 13.00
C VAL A 335 30.01 -9.57 12.89
N GLU A 336 29.85 -10.22 14.04
CA GLU A 336 29.62 -11.66 14.11
C GLU A 336 28.39 -12.08 13.32
N LYS A 337 27.27 -11.41 13.59
CA LYS A 337 26.00 -11.75 12.93
C LYS A 337 26.03 -11.46 11.42
N ALA A 338 26.72 -10.40 11.03
CA ALA A 338 26.88 -10.06 9.62
C ALA A 338 27.70 -11.10 8.86
N GLU A 339 28.75 -11.62 9.52
CA GLU A 339 29.54 -12.72 8.95
C GLU A 339 28.70 -13.99 8.81
N GLU A 340 27.72 -14.17 9.70
CA GLU A 340 26.82 -15.32 9.63
C GLU A 340 25.71 -15.15 8.59
N PHE A 341 24.98 -14.04 8.67
CA PHE A 341 23.78 -13.86 7.85
C PHE A 341 23.98 -12.94 6.65
N GLY A 342 25.10 -12.23 6.60
CA GLY A 342 25.34 -11.22 5.56
C GLY A 342 25.21 -9.79 6.08
N TYR A 343 26.08 -8.91 5.59
CA TYR A 343 26.11 -7.51 6.04
C TYR A 343 24.86 -6.72 5.62
N ASP A 344 24.55 -6.71 4.33
CA ASP A 344 23.34 -6.03 3.86
C ASP A 344 22.10 -6.59 4.56
N ALA A 345 22.04 -7.91 4.67
CA ALA A 345 20.90 -8.58 5.31
C ALA A 345 20.72 -8.10 6.74
N LEU A 346 21.81 -8.04 7.49
CA LEU A 346 21.77 -7.58 8.87
C LEU A 346 21.30 -6.13 8.94
N LYS A 347 21.81 -5.29 8.05
CA LYS A 347 21.43 -3.88 8.03
C LYS A 347 19.94 -3.74 7.75
N TYR A 348 19.46 -4.47 6.75
CA TYR A 348 18.04 -4.48 6.42
C TYR A 348 17.22 -4.88 7.65
N PHE A 349 17.66 -5.92 8.36
CA PHE A 349 16.91 -6.40 9.51
C PHE A 349 16.80 -5.33 10.60
N LEU A 350 17.93 -4.72 10.94
CA LEU A 350 17.95 -3.69 11.96
C LEU A 350 17.06 -2.49 11.63
N LEU A 351 17.01 -2.15 10.34
CA LEU A 351 16.23 -1.01 9.89
C LEU A 351 14.76 -1.36 9.68
N ARG A 352 14.49 -2.62 9.33
CA ARG A 352 13.12 -3.08 9.12
C ARG A 352 12.45 -3.46 10.44
N GLU A 353 13.19 -4.11 11.32
CA GLU A 353 12.59 -4.71 12.51
C GLU A 353 12.07 -3.65 13.47
N SER A 354 12.76 -2.52 13.60
CA SER A 354 12.33 -1.48 14.54
C SER A 354 12.09 -0.10 13.98
N GLY A 355 11.03 0.53 14.47
CA GLY A 355 10.82 1.94 14.28
C GLY A 355 11.29 2.61 15.54
N PHE A 356 10.54 3.62 15.97
CA PHE A 356 10.91 4.45 17.11
C PHE A 356 10.39 3.85 18.42
N SER A 357 10.89 2.66 18.72
CA SER A 357 10.58 1.94 19.94
C SER A 357 11.69 0.94 20.27
N ASP A 358 11.60 0.38 21.48
CA ASP A 358 12.43 -0.75 21.89
C ASP A 358 11.66 -2.05 21.60
N ASP A 359 10.59 -1.93 20.81
CA ASP A 359 9.65 -3.02 20.56
C ASP A 359 9.99 -3.69 19.23
N GLY A 360 10.83 -4.70 19.33
CA GLY A 360 11.33 -5.42 18.17
C GLY A 360 12.01 -6.70 18.61
N ASP A 361 11.75 -7.77 17.87
CA ASP A 361 12.26 -9.08 18.18
C ASP A 361 13.53 -9.20 17.36
N TYR A 362 14.68 -9.14 18.04
CA TYR A 362 16.00 -9.24 17.39
C TYR A 362 16.64 -10.64 17.50
N SER A 363 15.81 -11.66 17.61
CA SER A 363 16.30 -13.03 17.75
C SER A 363 16.78 -13.59 16.42
N ASP A 364 17.52 -14.70 16.48
CA ASP A 364 17.94 -15.42 15.28
C ASP A 364 16.74 -15.93 14.51
N LYS A 365 15.71 -16.40 15.21
CA LYS A 365 14.48 -16.85 14.58
C LYS A 365 13.86 -15.78 13.71
N ASN A 366 13.67 -14.58 14.26
CA ASN A 366 13.06 -13.51 13.49
C ASN A 366 13.97 -13.00 12.36
N MET A 367 15.26 -12.99 12.60
CA MET A 367 16.26 -12.62 11.59
C MET A 367 16.17 -13.56 10.39
N ILE A 368 16.13 -14.86 10.68
CA ILE A 368 16.00 -15.88 9.64
C ILE A 368 14.66 -15.75 8.92
N ALA A 369 13.60 -15.52 9.68
CA ALA A 369 12.26 -15.31 9.09
C ALA A 369 12.26 -14.16 8.08
N ARG A 370 12.85 -13.02 8.42
CA ARG A 370 12.92 -11.89 7.49
C ARG A 370 13.88 -12.14 6.32
N LEU A 371 15.02 -12.74 6.61
CA LEU A 371 15.96 -13.13 5.56
C LEU A 371 15.26 -13.99 4.51
N ASN A 372 14.66 -15.09 4.97
CA ASN A 372 14.00 -16.05 4.10
C ASN A 372 12.77 -15.47 3.42
N GLY A 373 11.93 -14.79 4.19
CA GLY A 373 10.65 -14.30 3.68
C GLY A 373 10.77 -13.08 2.78
N GLU A 374 11.42 -12.04 3.26
CA GLU A 374 11.48 -10.77 2.53
C GLU A 374 12.62 -10.78 1.51
N LEU A 375 13.84 -11.02 1.97
CA LEU A 375 15.02 -10.91 1.11
C LEU A 375 15.12 -12.03 0.08
N ALA A 376 14.93 -13.28 0.53
CA ALA A 376 15.04 -14.43 -0.38
C ALA A 376 13.78 -14.65 -1.22
N ASP A 377 12.65 -14.88 -0.55
CA ASP A 377 11.40 -15.26 -1.21
C ASP A 377 10.70 -14.13 -1.96
N THR A 378 10.81 -12.90 -1.47
CA THR A 378 10.13 -11.79 -2.13
C THR A 378 11.08 -11.14 -3.13
N LEU A 379 12.21 -10.61 -2.66
CA LEU A 379 13.14 -9.88 -3.53
C LEU A 379 13.99 -10.80 -4.40
N GLY A 380 14.72 -11.71 -3.78
CA GLY A 380 15.64 -12.61 -4.47
C GLY A 380 14.97 -13.50 -5.51
N ASN A 381 13.88 -14.15 -5.12
CA ASN A 381 13.07 -14.95 -6.04
C ASN A 381 12.67 -14.18 -7.29
N LEU A 382 12.25 -12.94 -7.09
CA LEU A 382 11.76 -12.11 -8.18
C LEU A 382 12.89 -11.75 -9.16
N VAL A 383 14.04 -11.42 -8.60
CA VAL A 383 15.23 -11.12 -9.39
C VAL A 383 15.63 -12.29 -10.27
N MET A 384 15.56 -13.51 -9.72
CA MET A 384 15.92 -14.72 -10.48
C MET A 384 14.89 -15.02 -11.57
N ARG A 385 13.61 -14.89 -11.25
CA ARG A 385 12.53 -15.08 -12.23
C ARG A 385 12.71 -14.26 -13.50
N CYS A 386 12.91 -12.95 -13.34
CA CYS A 386 12.96 -12.06 -14.49
C CYS A 386 14.30 -12.08 -15.23
N THR A 387 15.30 -12.74 -14.66
CA THR A 387 16.59 -12.95 -15.32
C THR A 387 16.86 -14.40 -15.73
N SER A 388 15.93 -15.30 -15.42
CA SER A 388 16.09 -16.72 -15.73
C SER A 388 16.13 -16.96 -17.23
N ALA A 389 17.02 -17.85 -17.66
CA ALA A 389 17.10 -18.25 -19.07
C ALA A 389 15.82 -18.91 -19.57
N LYS A 390 15.11 -19.57 -18.66
CA LYS A 390 13.84 -20.20 -18.96
C LYS A 390 12.79 -19.18 -19.38
N ILE A 391 12.75 -18.06 -18.67
CA ILE A 391 11.71 -17.05 -18.88
C ILE A 391 12.21 -15.95 -19.83
N ASN A 392 13.36 -15.38 -19.50
CA ASN A 392 14.01 -14.37 -20.33
C ASN A 392 14.96 -15.07 -21.30
N VAL A 393 14.41 -15.62 -22.37
CA VAL A 393 15.21 -16.47 -23.28
C VAL A 393 16.26 -15.68 -24.07
N ASN A 394 16.00 -14.39 -24.31
CA ASN A 394 16.93 -13.55 -25.06
C ASN A 394 17.95 -12.80 -24.20
N GLY A 395 17.85 -12.93 -22.88
CA GLY A 395 18.77 -12.25 -21.96
C GLY A 395 18.84 -10.76 -22.19
N GLU A 396 17.66 -10.12 -22.25
CA GLU A 396 17.60 -8.68 -22.49
C GLU A 396 16.33 -8.05 -21.93
N TRP A 397 16.30 -6.73 -21.91
CA TRP A 397 15.07 -6.01 -21.62
C TRP A 397 14.23 -6.02 -22.90
N PRO A 398 13.06 -6.68 -22.87
CA PRO A 398 12.25 -6.70 -24.06
C PRO A 398 11.45 -5.42 -24.21
N SER A 399 10.96 -5.20 -25.43
CA SER A 399 10.09 -4.09 -25.74
C SER A 399 8.65 -4.50 -25.43
N PRO A 400 7.95 -3.72 -24.59
CA PRO A 400 6.59 -4.13 -24.22
C PRO A 400 5.60 -3.98 -25.36
N ALA A 401 4.58 -4.83 -25.38
CA ALA A 401 3.41 -4.65 -26.25
C ALA A 401 2.39 -3.78 -25.49
N ALA A 402 1.13 -3.83 -25.91
CA ALA A 402 0.10 -3.02 -25.28
C ALA A 402 -0.17 -3.47 -23.85
N TYR A 403 -0.47 -2.49 -23.00
CA TYR A 403 -0.71 -2.74 -21.60
C TYR A 403 -2.18 -3.02 -21.32
N THR A 404 -2.45 -4.03 -20.50
CA THR A 404 -3.79 -4.26 -19.98
C THR A 404 -4.03 -3.37 -18.77
N GLU A 405 -5.28 -3.35 -18.31
CA GLU A 405 -5.63 -2.67 -17.10
C GLU A 405 -4.87 -3.22 -15.90
N GLU A 406 -4.69 -4.53 -15.85
CA GLU A 406 -3.91 -5.15 -14.78
C GLU A 406 -2.44 -4.72 -14.82
N ASP A 407 -1.85 -4.68 -16.01
CA ASP A 407 -0.50 -4.14 -16.20
C ASP A 407 -0.43 -2.73 -15.67
N GLU A 408 -1.42 -1.92 -16.03
CA GLU A 408 -1.43 -0.51 -15.67
C GLU A 408 -1.50 -0.33 -14.16
N SER A 409 -2.23 -1.20 -13.47
CA SER A 409 -2.36 -1.06 -12.01
C SER A 409 -1.00 -1.26 -11.35
N LEU A 410 -0.25 -2.24 -11.83
CA LEU A 410 1.08 -2.51 -11.29
C LEU A 410 2.04 -1.37 -11.65
N ILE A 411 1.97 -0.91 -12.88
CA ILE A 411 2.77 0.24 -13.34
C ILE A 411 2.52 1.49 -12.49
N GLN A 412 1.26 1.70 -12.11
CA GLN A 412 0.93 2.84 -11.30
C GLN A 412 1.64 2.79 -9.96
N LEU A 413 1.68 1.60 -9.37
CA LEU A 413 2.33 1.44 -8.06
C LEU A 413 3.81 1.77 -8.16
N ILE A 414 4.42 1.32 -9.25
CA ILE A 414 5.85 1.49 -9.44
C ILE A 414 6.15 2.97 -9.65
N LYS A 415 5.32 3.66 -10.42
CA LYS A 415 5.47 5.09 -10.63
C LYS A 415 5.26 5.91 -9.35
N ASP A 416 4.33 5.49 -8.51
CA ASP A 416 4.05 6.22 -7.28
C ASP A 416 5.12 6.00 -6.21
N LEU A 417 5.84 4.88 -6.30
CA LEU A 417 6.75 4.48 -5.24
C LEU A 417 7.86 5.48 -4.90
N PRO A 418 8.55 6.03 -5.91
CA PRO A 418 9.64 6.94 -5.54
C PRO A 418 9.19 8.13 -4.69
N GLY A 419 8.07 8.76 -5.03
CA GLY A 419 7.56 9.87 -4.25
C GLY A 419 7.18 9.46 -2.84
N THR A 420 6.65 8.25 -2.71
CA THR A 420 6.22 7.76 -1.41
C THR A 420 7.45 7.46 -0.55
N ALA A 421 8.41 6.75 -1.13
CA ALA A 421 9.63 6.40 -0.44
C ALA A 421 10.44 7.64 -0.12
N ASP A 422 10.46 8.60 -1.04
CA ASP A 422 11.14 9.87 -0.81
C ASP A 422 10.65 10.55 0.46
N HIS A 423 9.34 10.69 0.60
CA HIS A 423 8.79 11.35 1.79
C HIS A 423 9.22 10.62 3.06
N TYR A 424 9.21 9.29 3.03
CA TYR A 424 9.57 8.51 4.21
C TYR A 424 11.03 8.72 4.58
N TYR A 425 11.91 8.58 3.59
CA TYR A 425 13.33 8.85 3.79
C TYR A 425 13.61 10.25 4.37
N LEU A 426 12.78 11.21 4.01
CA LEU A 426 12.98 12.59 4.45
C LEU A 426 12.44 12.91 5.83
N ILE A 427 11.54 12.08 6.35
CA ILE A 427 10.96 12.32 7.67
C ILE A 427 12.00 12.54 8.78
N PRO A 428 12.97 11.65 8.98
CA PRO A 428 13.17 10.38 8.26
C PRO A 428 12.56 9.19 9.00
N ASP A 429 12.02 8.23 8.26
CA ASP A 429 11.44 7.02 8.82
C ASP A 429 11.80 5.90 7.85
N ILE A 430 12.93 5.29 8.12
CA ILE A 430 13.50 4.31 7.21
C ILE A 430 12.69 3.01 7.19
N GLN A 431 12.13 2.64 8.34
CA GLN A 431 11.28 1.46 8.42
C GLN A 431 10.14 1.56 7.40
N LYS A 432 9.47 2.70 7.36
CA LYS A 432 8.32 2.88 6.47
C LYS A 432 8.74 2.90 5.02
N ALA A 433 9.92 3.44 4.75
CA ALA A 433 10.42 3.48 3.40
C ALA A 433 10.62 2.06 2.91
N ILE A 434 11.15 1.21 3.78
CA ILE A 434 11.38 -0.19 3.42
C ILE A 434 10.05 -0.88 3.17
N ILE A 435 9.11 -0.70 4.09
CA ILE A 435 7.81 -1.32 3.96
C ILE A 435 7.13 -0.92 2.67
N ALA A 436 7.21 0.36 2.32
CA ALA A 436 6.61 0.84 1.09
C ALA A 436 7.20 0.13 -0.14
N VAL A 437 8.51 -0.05 -0.16
CA VAL A 437 9.13 -0.70 -1.30
C VAL A 437 8.71 -2.16 -1.35
N PHE A 438 8.72 -2.84 -0.21
CA PHE A 438 8.37 -4.25 -0.21
C PHE A 438 6.89 -4.49 -0.48
N ASP A 439 6.04 -3.48 -0.25
CA ASP A 439 4.64 -3.59 -0.63
C ASP A 439 4.56 -3.67 -2.14
N VAL A 440 5.39 -2.87 -2.82
CA VAL A 440 5.45 -2.93 -4.27
C VAL A 440 6.06 -4.25 -4.74
N LEU A 441 7.07 -4.75 -4.04
CA LEU A 441 7.67 -6.04 -4.42
C LEU A 441 6.67 -7.20 -4.32
N ARG A 442 5.87 -7.23 -3.26
CA ARG A 442 4.82 -8.23 -3.11
C ARG A 442 3.82 -8.12 -4.28
N ALA A 443 3.44 -6.89 -4.62
CA ALA A 443 2.52 -6.68 -5.74
C ALA A 443 3.09 -7.25 -7.05
N ILE A 444 4.37 -6.99 -7.30
CA ILE A 444 5.02 -7.47 -8.52
C ILE A 444 5.00 -9.00 -8.52
N ASN A 445 5.35 -9.60 -7.39
CA ASN A 445 5.30 -11.06 -7.26
C ASN A 445 3.94 -11.63 -7.61
N ALA A 446 2.89 -10.98 -7.12
CA ALA A 446 1.53 -11.43 -7.34
C ALA A 446 1.16 -11.33 -8.81
N TYR A 447 1.59 -10.24 -9.44
CA TYR A 447 1.43 -10.04 -10.87
C TYR A 447 2.10 -11.17 -11.65
N VAL A 448 3.35 -11.48 -11.29
CA VAL A 448 4.08 -12.55 -11.96
C VAL A 448 3.35 -13.88 -11.82
N THR A 449 2.85 -14.15 -10.61
CA THR A 449 2.09 -15.37 -10.35
C THR A 449 0.80 -15.44 -11.19
N ASP A 450 0.10 -14.33 -11.31
CA ASP A 450 -1.12 -14.29 -12.14
C ASP A 450 -0.81 -14.41 -13.63
N MET A 451 0.28 -13.80 -14.09
CA MET A 451 0.60 -13.82 -15.52
C MET A 451 1.32 -15.09 -15.94
N ALA A 452 1.95 -15.77 -14.99
CA ALA A 452 2.64 -17.05 -15.24
C ALA A 452 3.52 -17.01 -16.50
N PRO A 453 4.56 -16.14 -16.49
CA PRO A 453 5.39 -15.93 -17.68
C PRO A 453 6.06 -17.20 -18.23
N TRP A 454 6.35 -18.15 -17.35
CA TRP A 454 6.88 -19.46 -17.74
C TRP A 454 5.99 -20.19 -18.76
N LYS A 455 4.67 -20.10 -18.59
CA LYS A 455 3.73 -20.66 -19.58
C LYS A 455 3.70 -19.82 -20.87
N LEU A 456 3.84 -18.51 -20.72
CA LEU A 456 3.75 -17.58 -21.86
C LEU A 456 4.86 -17.76 -22.89
N VAL A 457 6.01 -18.27 -22.48
CA VAL A 457 7.12 -18.49 -23.43
C VAL A 457 6.68 -19.29 -24.65
N LYS A 458 5.90 -20.34 -24.45
CA LYS A 458 5.41 -21.19 -25.54
C LYS A 458 4.08 -20.69 -26.11
N THR A 459 3.25 -20.10 -25.24
CA THR A 459 1.88 -19.74 -25.62
C THR A 459 1.77 -18.39 -26.32
N ASP A 460 2.34 -17.36 -25.69
CA ASP A 460 2.10 -15.99 -26.10
C ASP A 460 3.35 -15.13 -25.91
N PRO A 461 4.30 -15.22 -26.84
CA PRO A 461 5.56 -14.47 -26.75
C PRO A 461 5.34 -12.95 -26.67
N GLU A 462 4.37 -12.44 -27.44
CA GLU A 462 4.09 -11.00 -27.46
C GLU A 462 3.69 -10.54 -26.07
N ARG A 463 2.79 -11.30 -25.45
CA ARG A 463 2.35 -11.00 -24.09
C ARG A 463 3.47 -11.11 -23.04
N LEU A 464 4.36 -12.09 -23.21
CA LEU A 464 5.51 -12.23 -22.32
C LEU A 464 6.38 -10.98 -22.34
N ARG A 465 6.63 -10.43 -23.53
CA ARG A 465 7.44 -9.21 -23.66
C ARG A 465 6.94 -8.14 -22.70
N THR A 466 5.63 -7.94 -22.68
CA THR A 466 5.02 -6.91 -21.85
C THR A 466 5.18 -7.22 -20.36
N VAL A 467 4.88 -8.46 -20.00
CA VAL A 467 4.94 -8.90 -18.61
C VAL A 467 6.37 -8.82 -18.08
N LEU A 468 7.29 -9.33 -18.88
CA LEU A 468 8.69 -9.37 -18.51
C LEU A 468 9.26 -7.97 -18.34
N TYR A 469 8.92 -7.06 -19.24
CA TYR A 469 9.43 -5.71 -19.17
C TYR A 469 8.99 -4.98 -17.89
N ILE A 470 7.71 -5.09 -17.56
CA ILE A 470 7.17 -4.47 -16.35
C ILE A 470 7.84 -5.05 -15.12
N THR A 471 8.05 -6.36 -15.12
CA THR A 471 8.69 -7.02 -14.00
C THR A 471 10.11 -6.50 -13.81
N LEU A 472 10.89 -6.49 -14.90
CA LEU A 472 12.25 -6.00 -14.86
C LEU A 472 12.29 -4.58 -14.34
N GLU A 473 11.43 -3.72 -14.88
CA GLU A 473 11.41 -2.33 -14.49
C GLU A 473 11.00 -2.14 -13.03
N GLY A 474 10.04 -2.92 -12.56
CA GLY A 474 9.66 -2.92 -11.16
C GLY A 474 10.81 -3.31 -10.24
N VAL A 475 11.58 -4.30 -10.67
CA VAL A 475 12.73 -4.72 -9.87
C VAL A 475 13.80 -3.63 -9.83
N ARG A 476 14.06 -3.00 -10.97
CA ARG A 476 15.05 -1.92 -11.04
C ARG A 476 14.69 -0.78 -10.07
N VAL A 477 13.44 -0.32 -10.14
CA VAL A 477 13.02 0.82 -9.36
C VAL A 477 13.01 0.54 -7.86
N THR A 478 12.46 -0.61 -7.47
CA THR A 478 12.46 -1.00 -6.07
C THR A 478 13.90 -1.11 -5.57
N THR A 479 14.77 -1.70 -6.38
CA THR A 479 16.15 -1.94 -6.00
C THR A 479 16.91 -0.64 -5.84
N LEU A 480 16.63 0.32 -6.72
CA LEU A 480 17.23 1.65 -6.62
C LEU A 480 16.88 2.28 -5.28
N LEU A 481 15.59 2.23 -4.93
CA LEU A 481 15.13 2.82 -3.68
C LEU A 481 15.57 2.04 -2.45
N LEU A 482 15.93 0.77 -2.66
CA LEU A 482 16.54 -0.05 -1.62
C LEU A 482 18.07 0.05 -1.57
N SER A 483 18.71 0.72 -2.52
CA SER A 483 20.18 0.74 -2.58
C SER A 483 20.86 1.37 -1.34
N PRO A 484 20.24 2.38 -0.71
CA PRO A 484 20.80 2.84 0.57
C PRO A 484 20.75 1.79 1.71
N ILE A 485 19.82 0.83 1.62
CA ILE A 485 19.67 -0.22 2.63
C ILE A 485 20.54 -1.43 2.32
N LEU A 486 20.59 -1.80 1.03
CA LEU A 486 21.33 -2.96 0.57
C LEU A 486 22.37 -2.50 -0.45
N PRO A 487 23.42 -1.81 0.03
CA PRO A 487 24.33 -1.16 -0.93
C PRO A 487 25.07 -2.13 -1.84
N ARG A 488 25.53 -3.24 -1.30
CA ARG A 488 26.26 -4.24 -2.09
C ARG A 488 25.33 -5.12 -2.91
N LYS A 489 24.24 -5.56 -2.31
CA LYS A 489 23.29 -6.41 -3.02
C LYS A 489 22.61 -5.68 -4.17
N SER A 490 22.39 -4.37 -4.02
CA SER A 490 21.77 -3.58 -5.09
C SER A 490 22.67 -3.58 -6.32
N VAL A 491 23.98 -3.57 -6.10
CA VAL A 491 24.96 -3.61 -7.18
C VAL A 491 24.92 -4.95 -7.89
N VAL A 492 24.83 -6.04 -7.12
CA VAL A 492 24.71 -7.36 -7.70
C VAL A 492 23.44 -7.44 -8.55
N ILE A 493 22.35 -6.89 -8.05
CA ILE A 493 21.07 -6.95 -8.75
C ILE A 493 21.15 -6.15 -10.05
N PHE A 494 21.62 -4.92 -9.97
CA PHE A 494 21.79 -4.12 -11.17
C PHE A 494 22.71 -4.82 -12.18
N ASP A 495 23.77 -5.47 -11.69
CA ASP A 495 24.69 -6.22 -12.57
C ASP A 495 23.94 -7.34 -13.31
N MET A 496 23.06 -8.06 -12.60
CA MET A 496 22.25 -9.10 -13.23
C MET A 496 21.29 -8.53 -14.27
N LEU A 497 20.69 -7.39 -13.96
CA LEU A 497 19.78 -6.73 -14.88
C LEU A 497 20.50 -6.05 -16.04
N GLY A 498 21.82 -5.93 -15.98
CA GLY A 498 22.56 -5.21 -16.99
C GLY A 498 22.26 -3.71 -17.02
N VAL A 499 21.89 -3.14 -15.88
CA VAL A 499 21.62 -1.72 -15.78
C VAL A 499 22.93 -0.96 -15.87
N PRO A 500 23.07 -0.06 -16.86
CA PRO A 500 24.27 0.78 -16.91
C PRO A 500 24.47 1.65 -15.66
N GLU A 501 25.72 1.89 -15.31
CA GLU A 501 26.08 2.70 -14.14
C GLU A 501 25.32 4.00 -14.04
N VAL A 502 25.25 4.74 -15.15
CA VAL A 502 24.56 6.02 -15.18
C VAL A 502 23.13 5.92 -14.64
N HIS A 503 22.47 4.79 -14.87
CA HIS A 503 21.09 4.60 -14.41
C HIS A 503 20.95 4.08 -12.97
N ARG A 504 22.08 3.93 -12.28
CA ARG A 504 22.06 3.44 -10.89
C ARG A 504 21.93 4.53 -9.83
N LYS A 505 21.87 5.79 -10.26
CA LYS A 505 21.68 6.91 -9.33
C LYS A 505 20.98 8.05 -10.06
N GLY A 506 20.53 9.05 -9.31
CA GLY A 506 19.95 10.26 -9.89
C GLY A 506 18.43 10.21 -9.95
N ILE A 507 17.77 11.32 -9.63
CA ILE A 507 16.30 11.36 -9.60
C ILE A 507 15.67 11.09 -10.97
N GLU A 508 16.39 11.41 -12.04
CA GLU A 508 15.95 11.07 -13.40
C GLU A 508 15.65 9.60 -13.53
N ASN A 509 16.37 8.78 -12.76
CA ASN A 509 16.21 7.35 -12.87
C ASN A 509 15.20 6.73 -11.91
N PHE A 510 14.57 7.58 -11.09
CA PHE A 510 13.38 7.17 -10.33
C PHE A 510 12.19 6.94 -11.28
N GLU A 511 12.21 7.54 -12.46
CA GLU A 511 11.10 7.44 -13.43
C GLU A 511 11.00 6.09 -14.11
N PHE A 512 9.76 5.63 -14.26
CA PHE A 512 9.45 4.38 -14.95
C PHE A 512 9.91 4.50 -16.40
N GLY A 513 10.66 3.53 -16.88
CA GLY A 513 11.09 3.47 -18.27
C GLY A 513 12.47 4.02 -18.59
N ALA A 514 13.30 4.22 -17.56
CA ALA A 514 14.59 4.87 -17.74
C ALA A 514 15.62 3.98 -18.44
N VAL A 515 15.42 2.67 -18.40
CA VAL A 515 16.32 1.72 -19.04
C VAL A 515 15.64 1.20 -20.31
N PRO A 516 16.21 1.54 -21.48
CA PRO A 516 15.51 1.23 -22.71
C PRO A 516 15.50 -0.27 -23.04
N PRO A 517 14.42 -0.75 -23.70
CA PRO A 517 14.42 -2.09 -24.24
C PRO A 517 15.63 -2.34 -25.16
N GLY A 518 16.11 -3.59 -25.20
CA GLY A 518 17.31 -3.94 -25.94
C GLY A 518 18.56 -3.99 -25.06
N THR A 519 18.48 -3.38 -23.89
CA THR A 519 19.56 -3.48 -22.90
C THR A 519 19.81 -4.95 -22.54
N ARG A 520 21.07 -5.35 -22.54
CA ARG A 520 21.44 -6.73 -22.35
C ARG A 520 21.59 -7.02 -20.87
N LEU A 521 21.17 -8.21 -20.47
CA LEU A 521 21.32 -8.66 -19.09
C LEU A 521 22.78 -8.97 -18.80
N GLY A 522 23.12 -9.05 -17.52
CA GLY A 522 24.48 -9.35 -17.11
C GLY A 522 24.78 -10.82 -17.24
N PRO A 523 26.07 -11.18 -17.26
CA PRO A 523 26.43 -12.60 -17.35
C PRO A 523 25.86 -13.45 -16.22
N ALA A 524 25.66 -14.73 -16.50
CA ALA A 524 25.14 -15.68 -15.52
C ALA A 524 26.27 -16.28 -14.70
N VAL A 525 25.89 -16.98 -13.64
CA VAL A 525 26.80 -17.75 -12.77
C VAL A 525 26.22 -19.14 -12.40
N GLU A 526 27.06 -20.18 -12.51
CA GLU A 526 26.64 -21.59 -12.45
C GLU A 526 25.64 -21.96 -11.34
N GLY A 527 25.84 -21.42 -10.14
CA GLY A 527 24.93 -21.69 -9.02
C GLY A 527 24.78 -20.48 -8.10
N GLU A 528 24.65 -19.30 -8.70
CA GLU A 528 24.61 -18.06 -7.95
C GLU A 528 23.26 -17.85 -7.26
N VAL A 529 23.31 -17.29 -6.04
CA VAL A 529 22.11 -16.83 -5.32
C VAL A 529 22.40 -15.47 -4.67
N LEU A 530 21.36 -14.64 -4.59
CA LEU A 530 21.46 -13.35 -3.90
C LEU A 530 21.46 -13.52 -2.39
N PHE A 531 20.41 -14.18 -1.89
CA PHE A 531 20.25 -14.43 -0.46
C PHE A 531 20.00 -15.91 -0.24
N SER A 532 20.96 -16.59 0.37
CA SER A 532 20.81 -18.01 0.68
C SER A 532 19.86 -18.18 1.86
N LYS A 533 18.81 -18.96 1.68
CA LYS A 533 17.90 -19.29 2.76
C LYS A 533 18.63 -20.11 3.82
N ARG A 534 18.13 -20.05 5.05
CA ARG A 534 18.77 -20.74 6.17
C ARG A 534 17.75 -21.58 6.93
N SER A 535 18.23 -22.69 7.49
CA SER A 535 17.40 -23.62 8.26
C SER A 535 16.75 -22.96 9.47
N THR A 536 15.62 -23.51 9.91
CA THR A 536 14.94 -23.06 11.13
C THR A 536 15.64 -23.63 12.35
N GLY B 1 -0.47 9.22 -9.27
CA GLY B 1 -0.76 9.75 -10.62
C GLY B 1 -2.26 9.76 -10.90
N PRO B 2 -2.67 10.42 -11.99
CA PRO B 2 -4.09 10.42 -12.32
C PRO B 2 -4.56 9.06 -12.82
N GLY B 3 -5.81 8.74 -12.57
CA GLY B 3 -6.43 7.54 -13.09
C GLY B 3 -6.86 7.76 -14.53
N SER B 4 -7.63 6.82 -15.08
CA SER B 4 -8.06 6.93 -16.45
C SER B 4 -9.13 8.00 -16.54
N MET B 5 -9.23 8.66 -17.68
CA MET B 5 -10.25 9.68 -17.85
C MET B 5 -11.61 9.00 -18.03
N LYS B 6 -12.66 9.80 -18.01
CA LYS B 6 -14.02 9.29 -18.21
C LYS B 6 -14.15 8.71 -19.62
N VAL B 7 -14.88 7.61 -19.75
CA VAL B 7 -15.30 7.14 -21.07
C VAL B 7 -16.29 8.17 -21.61
N GLU B 8 -16.33 8.31 -22.94
CA GLU B 8 -17.22 9.23 -23.63
C GLU B 8 -18.63 8.62 -23.86
N LYS B 9 -18.67 7.30 -24.11
CA LYS B 9 -19.94 6.59 -24.24
C LYS B 9 -20.60 6.37 -22.89
N VAL B 10 -21.79 5.76 -22.90
CA VAL B 10 -22.45 5.36 -21.67
C VAL B 10 -21.80 4.05 -21.20
N PHE B 11 -21.26 4.07 -19.99
CA PHE B 11 -20.65 2.87 -19.44
C PHE B 11 -21.76 1.83 -19.24
N PHE B 12 -21.57 0.66 -19.84
CA PHE B 12 -22.59 -0.36 -19.92
C PHE B 12 -22.08 -1.59 -19.20
N VAL B 13 -22.73 -1.91 -18.08
CA VAL B 13 -22.34 -3.03 -17.24
C VAL B 13 -23.56 -3.94 -17.00
N THR B 14 -23.33 -5.25 -17.07
CA THR B 14 -24.40 -6.24 -17.01
C THR B 14 -24.13 -7.35 -16.01
N SER B 15 -25.22 -7.98 -15.57
CA SER B 15 -25.15 -9.25 -14.85
C SER B 15 -25.70 -10.33 -15.78
N PRO B 16 -25.54 -11.61 -15.41
CA PRO B 16 -26.25 -12.61 -16.19
C PRO B 16 -27.73 -12.39 -15.96
N ILE B 17 -28.56 -12.91 -16.86
CA ILE B 17 -30.01 -12.96 -16.58
C ILE B 17 -30.29 -14.37 -16.06
N TYR B 18 -31.07 -14.44 -14.99
CA TYR B 18 -31.15 -15.64 -14.18
C TYR B 18 -32.38 -16.50 -14.53
N TYR B 19 -32.17 -17.82 -14.58
CA TYR B 19 -33.23 -18.78 -14.91
C TYR B 19 -34.28 -18.78 -13.78
N VAL B 20 -35.57 -18.72 -14.16
CA VAL B 20 -36.65 -18.52 -13.17
C VAL B 20 -37.31 -19.83 -12.71
N ASN B 21 -36.57 -20.94 -12.79
CA ASN B 21 -36.97 -22.23 -12.22
C ASN B 21 -36.46 -22.39 -10.76
N ALA B 22 -36.10 -21.28 -10.14
CA ALA B 22 -35.54 -21.27 -8.79
C ALA B 22 -35.78 -19.87 -8.20
N ALA B 23 -36.08 -19.79 -6.90
CA ALA B 23 -36.21 -18.50 -6.22
C ALA B 23 -34.81 -17.87 -6.18
N PRO B 24 -34.74 -16.54 -6.06
CA PRO B 24 -33.43 -15.92 -5.93
C PRO B 24 -32.68 -16.34 -4.66
N HIS B 25 -31.36 -16.56 -4.78
CA HIS B 25 -30.47 -16.97 -3.70
C HIS B 25 -29.15 -16.20 -3.82
N ILE B 26 -28.19 -16.50 -2.94
CA ILE B 26 -26.95 -15.74 -2.80
C ILE B 26 -26.16 -15.57 -4.11
N GLY B 27 -26.03 -16.64 -4.90
CA GLY B 27 -25.41 -16.56 -6.22
C GLY B 27 -25.87 -15.42 -7.12
N HIS B 28 -27.18 -15.24 -7.27
CA HIS B 28 -27.70 -14.16 -8.11
C HIS B 28 -27.43 -12.79 -7.47
N VAL B 29 -27.59 -12.76 -6.15
CA VAL B 29 -27.35 -11.54 -5.37
C VAL B 29 -25.91 -11.07 -5.51
N TYR B 30 -24.97 -12.00 -5.39
CA TYR B 30 -23.55 -11.71 -5.54
C TYR B 30 -23.22 -11.20 -6.93
N SER B 31 -23.66 -11.91 -7.97
CA SER B 31 -23.39 -11.49 -9.34
C SER B 31 -23.94 -10.10 -9.58
N THR B 32 -25.16 -9.86 -9.14
CA THR B 32 -25.79 -8.57 -9.35
C THR B 32 -25.14 -7.48 -8.48
N LEU B 33 -24.64 -7.83 -7.29
CA LEU B 33 -23.90 -6.89 -6.44
C LEU B 33 -22.64 -6.35 -7.13
N ILE B 34 -21.89 -7.26 -7.73
CA ILE B 34 -20.68 -6.90 -8.47
C ILE B 34 -21.07 -5.93 -9.59
N THR B 35 -22.11 -6.28 -10.34
CA THR B 35 -22.60 -5.43 -11.42
C THR B 35 -22.95 -4.04 -10.89
N ASP B 36 -23.65 -4.01 -9.76
CA ASP B 36 -24.10 -2.77 -9.16
C ASP B 36 -22.96 -1.88 -8.68
N VAL B 37 -21.93 -2.49 -8.11
CA VAL B 37 -20.78 -1.75 -7.61
C VAL B 37 -20.03 -1.09 -8.76
N ILE B 38 -19.82 -1.84 -9.84
CA ILE B 38 -19.12 -1.32 -11.01
C ILE B 38 -19.92 -0.14 -11.55
N GLY B 39 -21.22 -0.34 -11.69
CA GLY B 39 -22.09 0.73 -12.10
C GLY B 39 -21.94 1.95 -11.22
N ARG B 40 -21.99 1.73 -9.91
CA ARG B 40 -21.94 2.83 -8.97
C ARG B 40 -20.62 3.59 -9.06
N TYR B 41 -19.52 2.85 -9.17
CA TYR B 41 -18.21 3.49 -9.28
C TYR B 41 -18.16 4.43 -10.47
N HIS B 42 -18.68 3.99 -11.62
CA HIS B 42 -18.62 4.83 -12.79
C HIS B 42 -19.54 6.05 -12.70
N ARG B 43 -20.68 5.88 -12.04
CA ARG B 43 -21.55 7.03 -11.76
C ARG B 43 -20.84 8.01 -10.85
N VAL B 44 -20.12 7.48 -9.86
CA VAL B 44 -19.33 8.30 -8.97
C VAL B 44 -18.20 9.04 -9.70
N LYS B 45 -17.60 8.39 -10.70
CA LYS B 45 -16.62 9.04 -11.58
C LYS B 45 -17.19 10.21 -12.40
N GLY B 46 -18.51 10.27 -12.53
CA GLY B 46 -19.18 11.32 -13.29
C GLY B 46 -19.52 10.87 -14.71
N GLU B 47 -19.46 9.58 -14.96
CA GLU B 47 -19.83 9.01 -16.24
C GLU B 47 -21.32 8.70 -16.31
N ARG B 48 -21.85 8.70 -17.52
CA ARG B 48 -23.14 8.11 -17.78
C ARG B 48 -23.03 6.58 -17.63
N VAL B 49 -24.06 5.98 -17.02
CA VAL B 49 -24.06 4.54 -16.76
C VAL B 49 -25.41 3.93 -17.07
N PHE B 50 -25.35 2.72 -17.60
CA PHE B 50 -26.50 1.87 -17.76
C PHE B 50 -26.13 0.48 -17.26
N ALA B 51 -26.76 0.10 -16.16
CA ALA B 51 -26.52 -1.19 -15.54
C ALA B 51 -27.75 -2.05 -15.75
N LEU B 52 -27.52 -3.30 -16.15
CA LEU B 52 -28.56 -4.20 -16.60
C LEU B 52 -28.52 -5.49 -15.80
N THR B 53 -29.70 -5.93 -15.36
CA THR B 53 -29.87 -7.29 -14.83
C THR B 53 -31.21 -7.81 -15.35
N GLY B 54 -31.57 -9.05 -15.02
CA GLY B 54 -32.86 -9.60 -15.43
C GLY B 54 -33.00 -11.11 -15.34
N THR B 55 -33.98 -11.62 -16.07
CA THR B 55 -34.37 -13.03 -15.94
C THR B 55 -34.50 -13.73 -17.29
N ASP B 56 -34.11 -15.00 -17.27
CA ASP B 56 -34.08 -15.89 -18.43
C ASP B 56 -35.32 -16.76 -18.28
N GLU B 57 -36.36 -16.53 -19.09
CA GLU B 57 -37.71 -17.09 -18.80
C GLU B 57 -38.23 -18.28 -19.65
N HIS B 58 -37.62 -18.51 -20.82
CA HIS B 58 -38.08 -19.57 -21.71
C HIS B 58 -37.46 -20.93 -21.38
N GLY B 59 -37.99 -21.99 -22.00
CA GLY B 59 -37.40 -23.33 -21.90
C GLY B 59 -38.17 -24.46 -21.22
N GLN B 60 -37.67 -25.67 -21.44
CA GLN B 60 -38.27 -26.91 -20.94
C GLN B 60 -38.46 -26.93 -19.42
N LYS B 61 -37.38 -26.63 -18.71
CA LYS B 61 -37.36 -26.75 -17.25
C LYS B 61 -38.36 -25.77 -16.63
N VAL B 62 -38.41 -24.53 -17.14
CA VAL B 62 -39.38 -23.54 -16.65
C VAL B 62 -40.82 -24.00 -16.94
N ALA B 63 -41.10 -24.42 -18.17
CA ALA B 63 -42.44 -24.88 -18.53
C ALA B 63 -42.91 -26.08 -17.71
N GLU B 64 -41.98 -26.98 -17.38
CA GLU B 64 -42.31 -28.14 -16.56
C GLU B 64 -42.52 -27.76 -15.09
N ALA B 65 -41.79 -26.76 -14.60
CA ALA B 65 -42.03 -26.20 -13.28
C ALA B 65 -43.42 -25.59 -13.19
N ALA B 66 -43.82 -24.86 -14.23
CA ALA B 66 -45.16 -24.30 -14.30
C ALA B 66 -46.26 -25.36 -14.29
N LYS B 67 -46.11 -26.43 -15.07
CA LYS B 67 -47.10 -27.52 -15.08
C LYS B 67 -47.23 -28.18 -13.71
N GLN B 68 -46.11 -28.35 -13.02
CA GLN B 68 -46.11 -28.87 -11.65
C GLN B 68 -46.92 -27.96 -10.71
N LYS B 69 -46.64 -26.66 -10.76
CA LYS B 69 -47.38 -25.67 -9.95
C LYS B 69 -48.83 -25.48 -10.41
N GLN B 70 -49.19 -26.05 -11.57
CA GLN B 70 -50.54 -25.98 -12.13
C GLN B 70 -50.95 -24.55 -12.48
N VAL B 71 -50.03 -23.83 -13.12
CA VAL B 71 -50.25 -22.46 -13.56
C VAL B 71 -49.61 -22.29 -14.95
N SER B 72 -50.08 -21.31 -15.72
CA SER B 72 -49.54 -21.09 -17.07
C SER B 72 -48.09 -20.63 -16.98
N PRO B 73 -47.26 -21.00 -17.98
CA PRO B 73 -45.87 -20.54 -17.99
C PRO B 73 -45.74 -19.03 -17.85
N TYR B 74 -46.66 -18.28 -18.46
CA TYR B 74 -46.57 -16.84 -18.38
C TYR B 74 -46.80 -16.33 -16.95
N ASP B 75 -47.76 -16.93 -16.24
CA ASP B 75 -48.01 -16.56 -14.84
C ASP B 75 -46.82 -16.95 -13.95
N PHE B 76 -46.29 -18.15 -14.16
CA PHE B 76 -45.19 -18.67 -13.36
C PHE B 76 -43.95 -17.77 -13.45
N THR B 77 -43.56 -17.46 -14.69
CA THR B 77 -42.39 -16.60 -14.92
C THR B 77 -42.62 -15.19 -14.38
N THR B 78 -43.82 -14.66 -14.57
CA THR B 78 -44.12 -13.30 -14.10
C THR B 78 -43.96 -13.21 -12.58
N ALA B 79 -44.45 -14.23 -11.88
CA ALA B 79 -44.36 -14.28 -10.42
C ALA B 79 -42.89 -14.38 -9.97
N VAL B 80 -42.15 -15.33 -10.53
CA VAL B 80 -40.77 -15.54 -10.10
C VAL B 80 -39.92 -14.32 -10.44
N ALA B 81 -40.16 -13.74 -11.62
CA ALA B 81 -39.51 -12.48 -11.97
C ALA B 81 -39.78 -11.41 -10.91
N GLY B 82 -41.02 -11.35 -10.44
CA GLY B 82 -41.37 -10.47 -9.32
C GLY B 82 -40.54 -10.70 -8.08
N GLU B 83 -40.28 -11.96 -7.74
CA GLU B 83 -39.45 -12.30 -6.58
C GLU B 83 -38.00 -11.80 -6.75
N PHE B 84 -37.48 -11.87 -7.98
CA PHE B 84 -36.15 -11.36 -8.26
C PHE B 84 -36.10 -9.85 -8.12
N LYS B 85 -37.14 -9.16 -8.59
CA LYS B 85 -37.20 -7.70 -8.47
C LYS B 85 -37.27 -7.28 -7.00
N LYS B 86 -38.16 -7.90 -6.25
CA LYS B 86 -38.31 -7.60 -4.83
C LYS B 86 -36.96 -7.78 -4.13
N CYS B 87 -36.29 -8.88 -4.41
CA CYS B 87 -35.01 -9.20 -3.81
C CYS B 87 -33.99 -8.10 -4.09
N PHE B 88 -33.88 -7.69 -5.35
CA PHE B 88 -32.91 -6.67 -5.73
C PHE B 88 -33.28 -5.28 -5.19
N GLU B 89 -34.57 -5.01 -5.01
CA GLU B 89 -34.99 -3.81 -4.28
C GLU B 89 -34.58 -3.91 -2.82
N GLN B 90 -34.88 -5.04 -2.17
CA GLN B 90 -34.52 -5.27 -0.77
C GLN B 90 -33.02 -5.08 -0.53
N MET B 91 -32.22 -5.54 -1.48
CA MET B 91 -30.77 -5.47 -1.39
C MET B 91 -30.20 -4.07 -1.65
N ASP B 92 -31.04 -3.15 -2.10
CA ASP B 92 -30.67 -1.77 -2.26
C ASP B 92 -29.64 -1.59 -3.37
N TYR B 93 -29.86 -2.27 -4.49
CA TYR B 93 -29.06 -2.08 -5.69
C TYR B 93 -29.54 -0.84 -6.44
N SER B 94 -28.80 -0.47 -7.48
CA SER B 94 -29.19 0.67 -8.31
C SER B 94 -29.02 0.27 -9.78
N ILE B 95 -29.74 -0.78 -10.14
CA ILE B 95 -29.71 -1.29 -11.50
C ILE B 95 -30.68 -0.45 -12.31
N ASP B 96 -30.24 0.00 -13.48
CA ASP B 96 -31.04 0.90 -14.30
C ASP B 96 -32.24 0.21 -14.97
N TYR B 97 -32.10 -1.07 -15.32
CA TYR B 97 -33.20 -1.76 -15.99
C TYR B 97 -33.18 -3.25 -15.72
N PHE B 98 -34.38 -3.81 -15.54
CA PHE B 98 -34.57 -5.23 -15.26
C PHE B 98 -35.23 -5.87 -16.50
N ILE B 99 -34.48 -6.65 -17.25
CA ILE B 99 -34.98 -7.19 -18.51
C ILE B 99 -35.54 -8.60 -18.35
N ARG B 100 -36.62 -8.87 -19.08
CA ARG B 100 -37.22 -10.18 -19.11
C ARG B 100 -37.26 -10.68 -20.56
N THR B 101 -36.87 -11.94 -20.75
CA THR B 101 -36.78 -12.48 -22.11
C THR B 101 -38.16 -12.70 -22.73
N THR B 102 -39.21 -12.67 -21.90
CA THR B 102 -40.60 -12.69 -22.41
C THR B 102 -41.06 -11.37 -23.02
N ASN B 103 -40.26 -10.33 -22.83
CA ASN B 103 -40.59 -9.03 -23.40
C ASN B 103 -40.60 -9.07 -24.93
N GLU B 104 -41.60 -8.45 -25.53
CA GLU B 104 -41.80 -8.51 -26.97
C GLU B 104 -40.66 -7.78 -27.72
N GLN B 105 -40.11 -6.73 -27.13
CA GLN B 105 -39.02 -6.00 -27.77
C GLN B 105 -37.78 -6.88 -27.83
N HIS B 106 -37.52 -7.60 -26.76
CA HIS B 106 -36.43 -8.56 -26.75
C HIS B 106 -36.61 -9.66 -27.80
N LYS B 107 -37.83 -10.16 -27.90
CA LYS B 107 -38.16 -11.17 -28.89
C LYS B 107 -37.85 -10.67 -30.29
N ALA B 108 -38.22 -9.43 -30.57
CA ALA B 108 -37.94 -8.78 -31.86
C ALA B 108 -36.45 -8.74 -32.17
N VAL B 109 -35.66 -8.38 -31.17
CA VAL B 109 -34.22 -8.25 -31.32
C VAL B 109 -33.64 -9.63 -31.61
N VAL B 110 -34.13 -10.65 -30.89
CA VAL B 110 -33.66 -12.03 -31.13
C VAL B 110 -33.92 -12.41 -32.58
N LYS B 111 -35.12 -12.11 -33.08
CA LYS B 111 -35.45 -12.42 -34.47
C LYS B 111 -34.54 -11.68 -35.45
N GLU B 112 -34.28 -10.40 -35.20
CA GLU B 112 -33.39 -9.62 -36.07
C GLU B 112 -32.01 -10.27 -36.12
N LEU B 113 -31.49 -10.64 -34.95
CA LEU B 113 -30.15 -11.20 -34.88
C LEU B 113 -30.12 -12.58 -35.55
N TRP B 114 -31.12 -13.41 -35.26
CA TRP B 114 -31.22 -14.70 -35.91
C TRP B 114 -31.18 -14.50 -37.43
N THR B 115 -32.06 -13.64 -37.93
CA THR B 115 -32.17 -13.39 -39.36
C THR B 115 -30.85 -12.91 -39.97
N LYS B 116 -30.14 -12.07 -39.23
CA LYS B 116 -28.86 -11.56 -39.68
C LYS B 116 -27.87 -12.69 -39.85
N LEU B 117 -27.76 -13.53 -38.82
CA LEU B 117 -26.88 -14.70 -38.88
C LEU B 117 -27.20 -15.65 -40.04
N GLU B 118 -28.49 -15.82 -40.33
CA GLU B 118 -28.97 -16.70 -41.38
C GLU B 118 -28.59 -16.14 -42.75
N GLN B 119 -28.83 -14.84 -42.94
CA GLN B 119 -28.48 -14.17 -44.20
C GLN B 119 -26.98 -14.20 -44.47
N LYS B 120 -26.18 -14.03 -43.42
CA LYS B 120 -24.71 -14.11 -43.53
C LYS B 120 -24.23 -15.53 -43.91
N GLY B 121 -25.11 -16.52 -43.82
CA GLY B 121 -24.76 -17.90 -44.14
C GLY B 121 -24.21 -18.66 -42.94
N ASP B 122 -24.31 -18.07 -41.74
CA ASP B 122 -23.71 -18.67 -40.53
C ASP B 122 -24.69 -19.53 -39.71
N ILE B 123 -25.96 -19.56 -40.11
CA ILE B 123 -26.90 -20.53 -39.59
C ILE B 123 -27.48 -21.21 -40.78
N TYR B 124 -27.43 -22.54 -40.75
CA TYR B 124 -28.02 -23.33 -41.78
C TYR B 124 -28.94 -24.40 -41.18
N LEU B 125 -29.91 -24.83 -41.97
CA LEU B 125 -30.84 -25.85 -41.56
C LEU B 125 -30.29 -27.20 -41.97
N GLY B 126 -30.22 -28.13 -41.02
CA GLY B 126 -29.76 -29.49 -41.31
C GLY B 126 -30.59 -30.57 -40.66
N ARG B 127 -30.50 -31.77 -41.21
CA ARG B 127 -31.12 -32.96 -40.61
C ARG B 127 -30.09 -33.72 -39.76
N TYR B 128 -30.38 -33.86 -38.48
CA TYR B 128 -29.54 -34.62 -37.58
C TYR B 128 -30.19 -35.96 -37.35
N GLU B 129 -29.41 -37.02 -37.54
CA GLU B 129 -29.82 -38.40 -37.32
C GLU B 129 -28.82 -39.01 -36.35
N GLY B 130 -29.28 -39.32 -35.14
CA GLY B 130 -28.38 -39.73 -34.07
C GLY B 130 -29.08 -39.81 -32.75
N TRP B 131 -28.31 -40.00 -31.69
CA TRP B 131 -28.88 -40.10 -30.35
C TRP B 131 -29.15 -38.73 -29.73
N TYR B 132 -30.14 -38.69 -28.85
CA TYR B 132 -30.53 -37.47 -28.15
C TYR B 132 -31.03 -37.82 -26.76
N SER B 133 -30.54 -37.10 -25.76
CA SER B 133 -31.09 -37.15 -24.40
C SER B 133 -32.03 -35.96 -24.26
N ILE B 134 -33.32 -36.26 -24.18
CA ILE B 134 -34.34 -35.22 -23.97
C ILE B 134 -34.18 -34.56 -22.60
N SER B 135 -33.90 -35.37 -21.59
CA SER B 135 -33.71 -34.87 -20.22
C SER B 135 -32.51 -33.90 -20.10
N ASP B 136 -31.46 -34.12 -20.88
CA ASP B 136 -30.32 -33.21 -20.90
C ASP B 136 -30.36 -32.22 -22.06
N GLU B 137 -31.35 -32.36 -22.94
CA GLU B 137 -31.48 -31.51 -24.13
C GLU B 137 -30.17 -31.53 -24.93
N SER B 138 -29.53 -32.71 -24.98
CA SER B 138 -28.18 -32.86 -25.56
C SER B 138 -28.14 -33.88 -26.69
N PHE B 139 -27.44 -33.51 -27.76
CA PHE B 139 -27.07 -34.45 -28.82
C PHE B 139 -25.86 -35.25 -28.36
N LEU B 140 -25.88 -36.55 -28.62
CA LEU B 140 -24.81 -37.45 -28.18
C LEU B 140 -24.34 -38.31 -29.34
N THR B 141 -23.06 -38.67 -29.33
CA THR B 141 -22.52 -39.63 -30.30
C THR B 141 -22.68 -41.06 -29.74
N PRO B 142 -22.48 -42.09 -30.59
CA PRO B 142 -22.58 -43.47 -30.12
C PRO B 142 -21.61 -43.83 -28.98
N GLN B 143 -20.46 -43.17 -28.93
CA GLN B 143 -19.48 -43.40 -27.86
C GLN B 143 -19.99 -42.91 -26.50
N ASN B 144 -20.92 -41.95 -26.51
CA ASN B 144 -21.48 -41.38 -25.29
C ASN B 144 -22.77 -42.06 -24.80
N ILE B 145 -23.16 -43.16 -25.45
CA ILE B 145 -24.33 -43.92 -25.04
C ILE B 145 -23.92 -45.31 -24.55
N THR B 146 -24.78 -45.95 -23.76
CA THR B 146 -24.53 -47.28 -23.21
C THR B 146 -25.85 -48.00 -22.99
N ASP B 147 -25.77 -49.31 -22.74
CA ASP B 147 -26.96 -50.13 -22.52
C ASP B 147 -27.57 -49.80 -21.16
N GLY B 148 -28.89 -49.82 -21.09
CA GLY B 148 -29.59 -49.61 -19.82
C GLY B 148 -31.08 -49.77 -19.92
N LYS B 157 -31.44 -47.68 -24.12
CA LYS B 157 -30.14 -47.02 -24.15
C LYS B 157 -30.14 -45.77 -23.28
N VAL B 158 -29.00 -45.51 -22.63
CA VAL B 158 -28.87 -44.38 -21.71
C VAL B 158 -27.62 -43.56 -22.02
N SER B 159 -27.59 -42.33 -21.52
CA SER B 159 -26.42 -41.47 -21.66
C SER B 159 -25.30 -41.98 -20.75
N LEU B 160 -24.10 -42.07 -21.30
CA LEU B 160 -22.92 -42.43 -20.50
C LEU B 160 -22.58 -41.30 -19.52
N GLU B 161 -22.88 -40.05 -19.91
CA GLU B 161 -22.65 -38.91 -19.04
C GLU B 161 -23.64 -38.79 -17.88
N SER B 162 -24.94 -38.84 -18.17
CA SER B 162 -25.98 -38.57 -17.15
C SER B 162 -26.82 -39.77 -16.72
N GLY B 163 -26.85 -40.82 -17.52
CA GLY B 163 -27.67 -42.00 -17.22
C GLY B 163 -29.13 -41.87 -17.60
N HIS B 164 -29.50 -40.78 -18.28
CA HIS B 164 -30.88 -40.60 -18.73
C HIS B 164 -31.11 -41.32 -20.05
N VAL B 165 -32.38 -41.64 -20.32
CA VAL B 165 -32.75 -42.40 -21.51
C VAL B 165 -32.47 -41.58 -22.76
N VAL B 166 -31.87 -42.23 -23.76
CA VAL B 166 -31.60 -41.57 -25.05
C VAL B 166 -32.49 -42.16 -26.15
N THR B 167 -32.78 -41.36 -27.16
CA THR B 167 -33.62 -41.78 -28.27
C THR B 167 -32.89 -41.54 -29.57
N TRP B 168 -33.18 -42.37 -30.57
CA TRP B 168 -32.69 -42.11 -31.91
C TRP B 168 -33.66 -41.13 -32.56
N VAL B 169 -33.13 -40.01 -33.04
CA VAL B 169 -33.98 -39.02 -33.71
C VAL B 169 -33.52 -38.84 -35.16
N SER B 170 -34.48 -38.56 -36.02
CA SER B 170 -34.17 -37.96 -37.31
C SER B 170 -35.04 -36.72 -37.41
N GLU B 171 -34.44 -35.57 -37.15
CA GLU B 171 -35.18 -34.31 -37.02
C GLU B 171 -34.37 -33.15 -37.57
N GLU B 172 -35.06 -32.23 -38.24
CA GLU B 172 -34.42 -31.02 -38.76
C GLU B 172 -34.02 -30.15 -37.58
N ASN B 173 -32.95 -29.38 -37.76
CA ASN B 173 -32.34 -28.60 -36.69
C ASN B 173 -31.44 -27.49 -37.21
N TYR B 174 -31.48 -26.34 -36.54
CA TYR B 174 -30.61 -25.23 -36.93
C TYR B 174 -29.26 -25.20 -36.21
N MET B 175 -28.18 -25.13 -36.99
CA MET B 175 -26.81 -25.12 -36.49
C MET B 175 -26.15 -23.80 -36.82
N PHE B 176 -25.48 -23.23 -35.82
CA PHE B 176 -24.60 -22.07 -36.02
C PHE B 176 -23.16 -22.54 -36.28
N ARG B 177 -22.53 -21.95 -37.31
CA ARG B 177 -21.22 -22.40 -37.83
C ARG B 177 -20.06 -21.92 -36.96
N LEU B 178 -20.10 -22.27 -35.68
CA LEU B 178 -19.13 -21.81 -34.70
C LEU B 178 -17.69 -22.15 -35.10
N SER B 179 -17.50 -23.33 -35.68
CA SER B 179 -16.18 -23.78 -36.14
C SER B 179 -15.50 -22.76 -37.07
N ALA B 180 -16.30 -22.03 -37.84
CA ALA B 180 -15.77 -21.03 -38.76
C ALA B 180 -15.15 -19.82 -38.08
N PHE B 181 -15.38 -19.66 -36.77
CA PHE B 181 -14.96 -18.45 -36.03
C PHE B 181 -13.73 -18.62 -35.13
N ARG B 182 -13.13 -19.81 -35.17
CA ARG B 182 -11.99 -20.10 -34.31
C ARG B 182 -10.82 -19.12 -34.47
N GLU B 183 -10.36 -18.89 -35.70
CA GLU B 183 -9.24 -17.96 -35.93
C GLU B 183 -9.56 -16.56 -35.42
N ARG B 184 -10.72 -16.05 -35.81
CA ARG B 184 -11.13 -14.72 -35.41
C ARG B 184 -11.26 -14.56 -33.89
N LEU B 185 -11.70 -15.60 -33.19
CA LEU B 185 -11.78 -15.53 -31.72
C LEU B 185 -10.40 -15.48 -31.10
N LEU B 186 -9.52 -16.35 -31.58
CA LEU B 186 -8.14 -16.37 -31.10
C LEU B 186 -7.48 -15.02 -31.35
N GLU B 187 -7.64 -14.47 -32.55
CA GLU B 187 -7.14 -13.12 -32.85
C GLU B 187 -7.68 -12.08 -31.85
N TRP B 188 -8.94 -12.20 -31.47
CA TRP B 188 -9.55 -11.27 -30.52
C TRP B 188 -8.96 -11.40 -29.11
N TYR B 189 -8.85 -12.62 -28.61
CA TYR B 189 -8.24 -12.86 -27.30
C TYR B 189 -6.83 -12.28 -27.23
N HIS B 190 -6.05 -12.46 -28.29
CA HIS B 190 -4.64 -12.08 -28.29
C HIS B 190 -4.43 -10.59 -28.47
N ALA B 191 -5.30 -9.96 -29.26
CA ALA B 191 -5.22 -8.51 -29.45
C ALA B 191 -5.77 -7.75 -28.24
N ASN B 192 -6.57 -8.42 -27.40
CA ASN B 192 -7.16 -7.79 -26.24
C ASN B 192 -6.93 -8.65 -25.00
N PRO B 193 -5.67 -8.72 -24.56
CA PRO B 193 -5.32 -9.63 -23.46
C PRO B 193 -5.93 -9.31 -22.09
N GLY B 194 -6.68 -8.22 -21.96
CA GLY B 194 -7.44 -7.96 -20.76
C GLY B 194 -8.95 -8.18 -20.92
N CYS B 195 -9.37 -8.83 -22.01
CA CYS B 195 -10.79 -8.94 -22.31
C CYS B 195 -11.49 -9.97 -21.43
N ILE B 196 -10.73 -10.87 -20.82
CA ILE B 196 -11.30 -11.88 -19.91
C ILE B 196 -10.52 -11.90 -18.61
N VAL B 197 -11.24 -11.75 -17.50
CA VAL B 197 -10.67 -11.65 -16.17
C VAL B 197 -11.35 -12.68 -15.25
N PRO B 198 -10.60 -13.36 -14.40
CA PRO B 198 -9.16 -13.19 -14.23
C PRO B 198 -8.35 -13.93 -15.28
N GLU B 199 -7.05 -13.70 -15.27
CA GLU B 199 -6.16 -14.12 -16.35
C GLU B 199 -6.17 -15.65 -16.55
N PHE B 200 -6.22 -16.42 -15.47
CA PHE B 200 -6.23 -17.87 -15.64
C PHE B 200 -7.49 -18.38 -16.34
N ARG B 201 -8.60 -17.65 -16.22
CA ARG B 201 -9.81 -17.99 -16.94
C ARG B 201 -9.65 -17.62 -18.41
N ARG B 202 -8.95 -16.53 -18.67
CA ARG B 202 -8.61 -16.18 -20.04
C ARG B 202 -7.78 -17.29 -20.69
N ARG B 203 -6.78 -17.79 -19.99
CA ARG B 203 -5.94 -18.88 -20.52
C ARG B 203 -6.78 -20.13 -20.84
N GLU B 204 -7.72 -20.46 -19.97
CA GLU B 204 -8.63 -21.59 -20.17
C GLU B 204 -9.43 -21.45 -21.47
N VAL B 205 -9.99 -20.27 -21.71
CA VAL B 205 -10.79 -20.03 -22.89
C VAL B 205 -9.93 -20.18 -24.14
N ILE B 206 -8.74 -19.60 -24.10
CA ILE B 206 -7.82 -19.68 -25.22
C ILE B 206 -7.48 -21.15 -25.53
N ARG B 207 -7.10 -21.92 -24.50
CA ARG B 207 -6.74 -23.32 -24.70
C ARG B 207 -7.88 -24.11 -25.32
N ALA B 208 -9.10 -23.86 -24.85
CA ALA B 208 -10.29 -24.56 -25.36
C ALA B 208 -10.52 -24.27 -26.84
N VAL B 209 -10.43 -22.99 -27.22
CA VAL B 209 -10.63 -22.58 -28.61
C VAL B 209 -9.49 -23.05 -29.52
N GLU B 210 -8.26 -23.02 -29.02
CA GLU B 210 -7.10 -23.54 -29.76
C GLU B 210 -7.33 -25.00 -30.18
N LYS B 211 -7.92 -25.79 -29.28
CA LYS B 211 -8.16 -27.21 -29.52
C LYS B 211 -9.10 -27.48 -30.69
N GLY B 212 -10.03 -26.57 -30.93
CA GLY B 212 -10.95 -26.67 -32.07
C GLY B 212 -12.35 -26.41 -31.58
N LEU B 213 -13.21 -25.95 -32.47
CA LEU B 213 -14.60 -25.65 -32.10
C LEU B 213 -15.57 -26.44 -32.96
N PRO B 214 -16.55 -27.11 -32.33
CA PRO B 214 -17.65 -27.69 -33.07
C PRO B 214 -18.68 -26.63 -33.43
N ASP B 215 -19.54 -26.94 -34.39
CA ASP B 215 -20.70 -26.09 -34.65
C ASP B 215 -21.69 -26.24 -33.50
N LEU B 216 -22.62 -25.29 -33.40
CA LEU B 216 -23.46 -25.19 -32.22
C LEU B 216 -24.94 -25.22 -32.59
N SER B 217 -25.69 -26.10 -31.93
CA SER B 217 -27.14 -26.15 -32.16
C SER B 217 -27.81 -24.93 -31.55
N VAL B 218 -28.55 -24.19 -32.36
CA VAL B 218 -29.24 -22.99 -31.88
C VAL B 218 -30.78 -23.08 -31.91
N SER B 219 -31.33 -24.23 -32.31
CA SER B 219 -32.79 -24.47 -32.22
C SER B 219 -33.14 -25.86 -31.64
N ARG B 220 -34.42 -26.03 -31.29
CA ARG B 220 -34.99 -27.32 -30.88
C ARG B 220 -36.40 -27.41 -31.41
N ALA B 221 -36.89 -28.63 -31.60
CA ALA B 221 -38.29 -28.87 -31.93
C ALA B 221 -39.18 -28.22 -30.86
N ARG B 222 -40.30 -27.63 -31.28
CA ARG B 222 -41.19 -26.94 -30.33
C ARG B 222 -41.81 -27.84 -29.25
N ALA B 223 -42.16 -29.07 -29.61
CA ALA B 223 -42.69 -30.03 -28.64
C ALA B 223 -41.72 -30.20 -27.46
N THR B 224 -40.43 -30.33 -27.77
CA THR B 224 -39.41 -30.53 -26.76
C THR B 224 -39.39 -29.46 -25.67
N LEU B 225 -39.62 -28.21 -26.07
CA LEU B 225 -39.66 -27.10 -25.12
C LEU B 225 -41.08 -26.73 -24.65
N HIS B 226 -42.06 -27.59 -24.93
CA HIS B 226 -43.45 -27.36 -24.55
C HIS B 226 -43.95 -26.02 -25.08
N ASN B 227 -43.49 -25.67 -26.29
CA ASN B 227 -43.87 -24.44 -26.96
C ASN B 227 -43.59 -23.16 -26.15
N TRP B 228 -42.67 -23.24 -25.20
CA TRP B 228 -42.37 -22.11 -24.34
C TRP B 228 -40.99 -21.53 -24.66
N ALA B 229 -40.94 -20.83 -25.79
CA ALA B 229 -39.71 -20.28 -26.33
C ALA B 229 -40.04 -19.33 -27.48
N ILE B 230 -39.02 -18.75 -28.10
CA ILE B 230 -39.20 -17.84 -29.24
C ILE B 230 -39.16 -18.61 -30.56
N PRO B 231 -40.19 -18.43 -31.41
CA PRO B 231 -40.20 -19.20 -32.66
C PRO B 231 -39.09 -18.78 -33.59
N VAL B 232 -38.52 -19.73 -34.32
CA VAL B 232 -37.55 -19.42 -35.34
C VAL B 232 -38.29 -18.65 -36.44
N PRO B 233 -37.76 -17.48 -36.85
CA PRO B 233 -38.37 -16.73 -37.94
C PRO B 233 -38.50 -17.56 -39.21
N GLY B 234 -39.71 -17.61 -39.75
CA GLY B 234 -39.98 -18.35 -40.97
C GLY B 234 -40.07 -19.85 -40.78
N ASN B 235 -40.07 -20.32 -39.53
CA ASN B 235 -40.24 -21.74 -39.25
C ASN B 235 -40.76 -21.97 -37.83
N PRO B 236 -42.08 -21.81 -37.63
CA PRO B 236 -42.65 -21.97 -36.31
C PRO B 236 -42.66 -23.40 -35.75
N ASP B 237 -42.17 -24.39 -36.50
CA ASP B 237 -41.94 -25.73 -35.93
C ASP B 237 -40.71 -25.78 -35.02
N HIS B 238 -39.85 -24.77 -35.10
CA HIS B 238 -38.63 -24.69 -34.28
C HIS B 238 -38.59 -23.48 -33.36
N VAL B 240 -36.01 -20.97 -30.86
CA VAL B 240 -34.66 -20.51 -30.63
C VAL B 240 -34.21 -21.09 -29.32
N TYR B 241 -33.08 -21.81 -29.34
CA TYR B 241 -32.61 -22.43 -28.12
C TYR B 241 -32.01 -21.33 -27.17
N VAL B 242 -31.43 -21.77 -26.05
CA VAL B 242 -30.94 -20.86 -25.02
C VAL B 242 -29.93 -19.83 -25.53
N TRP B 243 -29.07 -20.25 -26.45
CA TRP B 243 -27.92 -19.45 -26.80
C TRP B 243 -28.36 -18.09 -27.35
N LEU B 244 -29.09 -18.08 -28.47
CA LEU B 244 -29.45 -16.81 -29.11
C LEU B 244 -30.55 -16.06 -28.37
N ASP B 245 -31.28 -16.74 -27.50
CA ASP B 245 -32.26 -16.03 -26.70
C ASP B 245 -31.64 -15.21 -25.56
N ALA B 246 -31.04 -15.91 -24.60
CA ALA B 246 -30.58 -15.28 -23.36
C ALA B 246 -29.45 -14.26 -23.58
N LEU B 247 -28.43 -14.64 -24.34
CA LEU B 247 -27.26 -13.76 -24.54
C LEU B 247 -27.65 -12.46 -25.24
N THR B 248 -28.66 -12.57 -26.11
CA THR B 248 -29.11 -11.42 -26.87
C THR B 248 -29.65 -10.32 -25.95
N ASN B 249 -30.00 -10.67 -24.71
CA ASN B 249 -30.58 -9.68 -23.79
C ASN B 249 -29.70 -8.44 -23.65
N TYR B 250 -28.38 -8.64 -23.69
CA TYR B 250 -27.44 -7.54 -23.57
C TYR B 250 -27.64 -6.54 -24.71
N LEU B 251 -27.84 -7.06 -25.92
CA LEU B 251 -28.13 -6.23 -27.08
C LEU B 251 -29.48 -5.53 -26.94
N THR B 252 -30.51 -6.28 -26.54
CA THR B 252 -31.82 -5.68 -26.34
C THR B 252 -31.74 -4.56 -25.32
N GLY B 253 -31.14 -4.84 -24.17
CA GLY B 253 -30.99 -3.82 -23.13
C GLY B 253 -30.34 -2.55 -23.66
N SER B 254 -29.33 -2.74 -24.51
CA SER B 254 -28.58 -1.63 -25.08
C SER B 254 -29.41 -0.75 -26.00
N ARG B 255 -30.61 -1.23 -26.37
CA ARG B 255 -31.47 -0.53 -27.32
C ARG B 255 -32.81 -0.05 -26.76
N LEU B 256 -33.04 -0.20 -25.46
CA LEU B 256 -34.30 0.23 -24.84
C LEU B 256 -34.21 1.62 -24.21
N ARG B 257 -35.02 2.55 -24.68
CA ARG B 257 -35.26 3.77 -23.92
C ARG B 257 -36.09 3.40 -22.70
N VAL B 258 -35.71 3.91 -21.54
CA VAL B 258 -36.36 3.58 -20.28
C VAL B 258 -36.80 4.87 -19.57
N ASP B 259 -38.01 4.87 -19.03
CA ASP B 259 -38.56 6.05 -18.35
C ASP B 259 -38.07 6.13 -16.89
N GLU B 260 -38.50 7.20 -16.19
CA GLU B 260 -38.12 7.43 -14.79
C GLU B 260 -38.53 6.28 -13.85
N SER B 261 -39.65 5.62 -14.15
CA SER B 261 -40.14 4.51 -13.31
C SER B 261 -39.45 3.18 -13.60
N GLY B 262 -38.68 3.11 -14.68
CA GLY B 262 -37.94 1.89 -15.03
C GLY B 262 -38.61 0.97 -16.04
N LYS B 263 -39.77 1.40 -16.57
CA LYS B 263 -40.45 0.65 -17.62
C LYS B 263 -39.86 1.00 -18.98
N GLU B 264 -39.63 -0.01 -19.81
CA GLU B 264 -39.15 0.18 -21.18
C GLU B 264 -40.24 0.83 -22.01
N VAL B 265 -39.87 1.87 -22.75
CA VAL B 265 -40.85 2.65 -23.51
C VAL B 265 -40.68 2.56 -25.03
N SER B 266 -39.53 2.08 -25.50
CA SER B 266 -39.20 2.20 -26.91
C SER B 266 -37.94 1.40 -27.23
N LEU B 267 -37.95 0.70 -28.36
CA LEU B 267 -36.79 -0.01 -28.85
C LEU B 267 -36.25 0.74 -30.05
N VAL B 268 -35.02 1.22 -29.98
CA VAL B 268 -34.43 1.94 -31.10
C VAL B 268 -33.85 0.98 -32.13
N ASP B 269 -33.79 1.45 -33.38
CA ASP B 269 -33.31 0.64 -34.51
C ASP B 269 -31.82 0.40 -34.45
N ASP B 270 -31.07 1.45 -34.08
CA ASP B 270 -29.62 1.46 -34.16
C ASP B 270 -29.05 1.61 -32.76
N PHE B 271 -28.33 0.59 -32.29
CA PHE B 271 -27.77 0.61 -30.93
C PHE B 271 -26.97 1.89 -30.65
N ASN B 272 -26.24 2.38 -31.64
CA ASN B 272 -25.46 3.62 -31.48
C ASN B 272 -26.27 4.81 -30.95
N GLU B 273 -27.57 4.82 -31.19
CA GLU B 273 -28.42 5.91 -30.71
C GLU B 273 -28.31 6.09 -29.18
N LEU B 274 -28.18 5.00 -28.44
CA LEU B 274 -28.13 5.06 -26.98
C LEU B 274 -26.72 4.95 -26.39
N GLU B 275 -25.73 4.69 -27.23
CA GLU B 275 -24.31 4.71 -26.84
C GLU B 275 -23.93 3.70 -25.74
N ARG B 276 -24.63 2.57 -25.68
CA ARG B 276 -24.39 1.57 -24.64
C ARG B 276 -23.62 0.38 -25.18
N PHE B 277 -24.09 -0.16 -26.30
CA PHE B 277 -23.48 -1.35 -26.86
C PHE B 277 -22.09 -1.01 -27.43
N PRO B 278 -21.09 -1.87 -27.26
CA PRO B 278 -21.16 -3.14 -26.56
C PRO B 278 -20.88 -2.98 -25.07
N ALA B 279 -21.09 -4.04 -24.30
CA ALA B 279 -20.84 -3.98 -22.87
C ALA B 279 -19.37 -3.64 -22.58
N ASP B 280 -19.19 -2.75 -21.63
CA ASP B 280 -17.87 -2.45 -21.12
C ASP B 280 -17.42 -3.58 -20.20
N VAL B 281 -18.38 -4.14 -19.46
CA VAL B 281 -18.12 -5.25 -18.57
C VAL B 281 -19.35 -6.15 -18.46
N HIS B 282 -19.17 -7.41 -18.86
CA HIS B 282 -20.14 -8.45 -18.59
C HIS B 282 -19.70 -9.21 -17.33
N VAL B 283 -20.47 -9.10 -16.26
CA VAL B 283 -20.20 -9.85 -15.04
C VAL B 283 -20.91 -11.19 -15.12
N ILE B 284 -20.19 -12.28 -14.86
CA ILE B 284 -20.75 -13.62 -14.89
C ILE B 284 -20.09 -14.53 -13.87
N GLY B 285 -20.73 -15.66 -13.62
CA GLY B 285 -20.12 -16.73 -12.85
C GLY B 285 -19.26 -17.60 -13.77
N LYS B 286 -18.27 -18.27 -13.21
CA LYS B 286 -17.39 -19.15 -13.97
C LYS B 286 -18.15 -20.24 -14.75
N ASP B 287 -19.31 -20.64 -14.24
CA ASP B 287 -20.12 -21.68 -14.87
C ASP B 287 -20.61 -21.35 -16.28
N ILE B 288 -20.66 -20.06 -16.65
CA ILE B 288 -21.16 -19.69 -17.98
C ILE B 288 -20.13 -18.94 -18.81
N LEU B 289 -18.85 -19.19 -18.53
CA LEU B 289 -17.74 -18.54 -19.23
C LEU B 289 -17.70 -18.85 -20.71
N LYS B 290 -17.84 -20.13 -21.07
CA LYS B 290 -17.81 -20.52 -22.48
C LYS B 290 -18.85 -19.78 -23.30
N PHE B 291 -20.02 -19.55 -22.71
CA PHE B 291 -21.14 -18.97 -23.45
C PHE B 291 -20.85 -17.52 -23.76
N HIS B 292 -20.24 -16.83 -22.80
CA HIS B 292 -19.98 -15.40 -22.92
C HIS B 292 -18.67 -15.08 -23.65
N ALA B 293 -17.67 -15.96 -23.52
CA ALA B 293 -16.36 -15.69 -24.11
C ALA B 293 -16.11 -16.42 -25.44
N ILE B 294 -17.01 -17.34 -25.81
CA ILE B 294 -16.88 -18.08 -27.08
C ILE B 294 -18.11 -17.89 -27.96
N TYR B 295 -19.29 -18.31 -27.49
CA TYR B 295 -20.50 -18.24 -28.31
C TYR B 295 -20.87 -16.80 -28.66
N TRP B 296 -21.08 -16.01 -27.60
CA TRP B 296 -21.51 -14.61 -27.71
C TRP B 296 -20.67 -13.81 -28.70
N PRO B 297 -19.35 -13.78 -28.51
CA PRO B 297 -18.58 -13.01 -29.48
C PRO B 297 -18.63 -13.57 -30.93
N ALA B 298 -18.74 -14.90 -31.07
CA ALA B 298 -18.89 -15.50 -32.38
C ALA B 298 -20.15 -15.00 -33.06
N PHE B 299 -21.24 -14.91 -32.30
CA PHE B 299 -22.51 -14.35 -32.82
C PHE B 299 -22.35 -12.89 -33.25
N LEU B 300 -21.64 -12.13 -32.44
CA LEU B 300 -21.44 -10.69 -32.70
C LEU B 300 -20.54 -10.48 -33.92
N LEU B 301 -19.53 -11.33 -34.06
CA LEU B 301 -18.68 -11.33 -35.25
C LEU B 301 -19.48 -11.67 -36.51
N SER B 302 -20.38 -12.64 -36.41
CA SER B 302 -21.19 -13.04 -37.55
C SER B 302 -22.06 -11.86 -37.98
N ALA B 303 -22.65 -11.19 -37.01
CA ALA B 303 -23.56 -10.07 -37.27
C ALA B 303 -22.88 -8.76 -37.61
N GLY B 304 -21.55 -8.71 -37.46
CA GLY B 304 -20.80 -7.47 -37.66
C GLY B 304 -21.03 -6.46 -36.55
N LEU B 305 -21.24 -6.94 -35.33
CA LEU B 305 -21.48 -6.07 -34.18
C LEU B 305 -20.21 -5.96 -33.35
N PRO B 306 -20.01 -4.82 -32.65
CA PRO B 306 -18.82 -4.67 -31.82
C PRO B 306 -18.77 -5.62 -30.62
N LEU B 307 -17.57 -5.99 -30.22
CA LEU B 307 -17.40 -6.95 -29.12
C LEU B 307 -17.30 -6.27 -27.76
N PRO B 308 -17.70 -6.96 -26.69
CA PRO B 308 -17.57 -6.40 -25.35
C PRO B 308 -16.11 -6.15 -24.99
N LYS B 309 -15.87 -5.19 -24.10
CA LYS B 309 -14.50 -4.86 -23.67
C LYS B 309 -13.95 -5.87 -22.68
N LYS B 310 -14.78 -6.26 -21.71
CA LYS B 310 -14.33 -7.13 -20.64
C LYS B 310 -15.41 -8.08 -20.19
N ILE B 311 -15.01 -9.33 -19.95
CA ILE B 311 -15.86 -10.29 -19.31
C ILE B 311 -15.17 -10.65 -18.00
N VAL B 312 -15.85 -10.43 -16.90
CA VAL B 312 -15.30 -10.82 -15.61
C VAL B 312 -16.10 -11.98 -15.02
N ALA B 313 -15.40 -13.07 -14.74
CA ALA B 313 -16.02 -14.29 -14.25
C ALA B 313 -15.57 -14.59 -12.85
N HIS B 314 -16.52 -14.64 -11.92
CA HIS B 314 -16.20 -14.85 -10.50
C HIS B 314 -16.38 -16.33 -10.08
N GLY B 315 -16.16 -16.61 -8.79
CA GLY B 315 -16.35 -17.94 -8.19
C GLY B 315 -17.68 -18.18 -7.46
N TRP B 316 -17.88 -19.41 -6.98
CA TRP B 316 -19.05 -19.78 -6.17
C TRP B 316 -18.81 -19.59 -4.66
N TRP B 317 -19.90 -19.46 -3.91
CA TRP B 317 -19.82 -19.30 -2.45
C TRP B 317 -20.03 -20.60 -1.69
N THR B 318 -19.39 -20.67 -0.51
CA THR B 318 -19.67 -21.69 0.50
C THR B 318 -20.07 -21.02 1.82
N LYS B 319 -20.62 -21.80 2.76
CA LYS B 319 -20.86 -21.31 4.13
C LYS B 319 -20.31 -22.31 5.13
N ASP B 320 -19.39 -21.84 5.98
CA ASP B 320 -18.69 -22.70 6.94
C ASP B 320 -18.06 -23.93 6.26
N ARG B 321 -17.43 -23.67 5.11
CA ARG B 321 -16.66 -24.63 4.33
C ARG B 321 -17.46 -25.77 3.68
N LYS B 322 -18.79 -25.68 3.72
CA LYS B 322 -19.66 -26.70 3.11
C LYS B 322 -20.51 -26.07 1.99
N LYS B 323 -20.92 -26.89 1.02
CA LYS B 323 -21.77 -26.44 -0.09
C LYS B 323 -23.09 -25.89 0.46
N ILE B 324 -23.57 -24.81 -0.16
CA ILE B 324 -24.80 -24.14 0.29
C ILE B 324 -26.02 -24.83 -0.32
N SER B 325 -26.94 -25.28 0.53
CA SER B 325 -28.15 -25.95 0.05
C SER B 325 -29.27 -25.97 1.08
N LYS B 326 -30.50 -25.84 0.58
CA LYS B 326 -31.70 -25.95 1.41
C LYS B 326 -31.81 -27.38 1.94
N SER B 327 -31.74 -28.33 1.01
CA SER B 327 -31.86 -29.77 1.29
C SER B 327 -30.71 -30.35 2.11
N LEU B 328 -29.49 -29.92 1.79
CA LEU B 328 -28.28 -30.41 2.47
C LEU B 328 -28.17 -29.91 3.92
N GLY B 329 -28.88 -28.84 4.25
CA GLY B 329 -28.90 -28.31 5.62
C GLY B 329 -27.81 -27.28 5.85
N ASN B 330 -27.60 -26.40 4.87
CA ASN B 330 -26.66 -25.30 5.03
C ASN B 330 -27.15 -24.10 4.21
N VAL B 331 -28.11 -23.39 4.77
CA VAL B 331 -28.72 -22.23 4.13
C VAL B 331 -27.85 -20.98 4.31
N PHE B 332 -27.82 -20.13 3.28
CA PHE B 332 -27.18 -18.81 3.36
C PHE B 332 -28.05 -17.76 2.68
N ASP B 333 -28.83 -17.03 3.48
CA ASP B 333 -29.78 -16.05 2.99
C ASP B 333 -29.20 -14.64 3.15
N PRO B 334 -28.95 -13.93 2.05
CA PRO B 334 -28.35 -12.59 2.16
C PRO B 334 -29.24 -11.53 2.79
N VAL B 335 -30.55 -11.59 2.56
CA VAL B 335 -31.45 -10.62 3.16
C VAL B 335 -31.42 -10.79 4.69
N GLU B 336 -31.45 -12.04 5.14
CA GLU B 336 -31.39 -12.37 6.56
C GLU B 336 -30.13 -11.82 7.20
N LYS B 337 -28.98 -12.09 6.60
CA LYS B 337 -27.70 -11.67 7.16
C LYS B 337 -27.54 -10.14 7.16
N ALA B 338 -28.07 -9.50 6.12
CA ALA B 338 -28.06 -8.05 6.02
C ALA B 338 -28.91 -7.40 7.11
N GLU B 339 -30.07 -8.00 7.41
CA GLU B 339 -30.92 -7.53 8.50
C GLU B 339 -30.22 -7.69 9.86
N GLU B 340 -29.36 -8.70 9.97
CA GLU B 340 -28.60 -8.92 11.18
C GLU B 340 -27.39 -8.00 11.31
N PHE B 341 -26.54 -7.98 10.29
CA PHE B 341 -25.25 -7.26 10.38
C PHE B 341 -25.23 -5.91 9.69
N GLY B 342 -26.26 -5.63 8.88
CA GLY B 342 -26.27 -4.42 8.04
C GLY B 342 -26.03 -4.72 6.56
N TYR B 343 -26.76 -4.01 5.70
CA TYR B 343 -26.68 -4.22 4.26
C TYR B 343 -25.30 -3.81 3.69
N ASP B 344 -24.87 -2.58 3.93
CA ASP B 344 -23.56 -2.14 3.44
C ASP B 344 -22.45 -3.05 3.97
N ALA B 345 -22.55 -3.38 5.26
CA ALA B 345 -21.57 -4.25 5.90
C ALA B 345 -21.47 -5.61 5.20
N LEU B 346 -22.63 -6.20 4.91
CA LEU B 346 -22.67 -7.48 4.22
C LEU B 346 -22.05 -7.37 2.84
N LYS B 347 -22.38 -6.29 2.13
CA LYS B 347 -21.85 -6.10 0.78
C LYS B 347 -20.33 -5.99 0.82
N TYR B 348 -19.84 -5.19 1.76
CA TYR B 348 -18.41 -5.02 1.95
C TYR B 348 -17.75 -6.37 2.20
N PHE B 349 -18.37 -7.18 3.04
CA PHE B 349 -17.80 -8.48 3.35
C PHE B 349 -17.70 -9.39 2.12
N LEU B 350 -18.77 -9.48 1.36
CA LEU B 350 -18.80 -10.34 0.18
C LEU B 350 -17.75 -9.92 -0.85
N LEU B 351 -17.51 -8.62 -0.93
CA LEU B 351 -16.58 -8.08 -1.91
C LEU B 351 -15.15 -8.07 -1.41
N ARG B 352 -14.97 -7.97 -0.09
CA ARG B 352 -13.63 -7.96 0.53
C ARG B 352 -13.14 -9.37 0.75
N GLU B 353 -14.03 -10.26 1.18
CA GLU B 353 -13.60 -11.59 1.62
C GLU B 353 -13.01 -12.41 0.48
N SER B 354 -13.58 -12.31 -0.73
CA SER B 354 -13.09 -13.15 -1.82
C SER B 354 -12.69 -12.37 -3.08
N GLY B 355 -11.61 -12.82 -3.69
CA GLY B 355 -11.29 -12.40 -5.04
C GLY B 355 -12.09 -13.21 -6.06
N PHE B 356 -12.06 -12.76 -7.31
CA PHE B 356 -12.83 -13.41 -8.36
C PHE B 356 -12.18 -14.72 -8.79
N SER B 357 -10.90 -14.89 -8.48
CA SER B 357 -10.19 -16.16 -8.69
C SER B 357 -10.58 -17.23 -7.66
N ASP B 358 -11.27 -16.80 -6.60
CA ASP B 358 -11.51 -17.62 -5.43
C ASP B 358 -12.98 -17.98 -5.30
N ASP B 359 -13.22 -19.17 -4.72
CA ASP B 359 -14.53 -19.51 -4.19
C ASP B 359 -14.59 -19.04 -2.74
N GLY B 360 -15.25 -17.90 -2.50
CA GLY B 360 -15.47 -17.37 -1.15
C GLY B 360 -16.10 -18.32 -0.13
N ASP B 361 -15.77 -18.09 1.16
CA ASP B 361 -16.42 -18.76 2.31
C ASP B 361 -16.96 -17.76 3.34
N TYR B 362 -18.28 -17.78 3.54
CA TYR B 362 -18.91 -17.01 4.60
C TYR B 362 -19.02 -17.81 5.91
N SER B 363 -18.51 -17.23 7.00
CA SER B 363 -18.93 -17.59 8.35
C SER B 363 -19.28 -16.33 9.13
N ASP B 364 -20.08 -16.51 10.18
CA ASP B 364 -20.40 -15.41 11.08
C ASP B 364 -19.16 -14.88 11.81
N LYS B 365 -18.27 -15.79 12.21
CA LYS B 365 -17.02 -15.39 12.88
C LYS B 365 -16.22 -14.41 12.03
N ASN B 366 -15.97 -14.76 10.76
CA ASN B 366 -15.18 -13.92 9.86
C ASN B 366 -15.90 -12.62 9.51
N MET B 367 -17.23 -12.70 9.38
CA MET B 367 -18.06 -11.53 9.13
C MET B 367 -17.96 -10.53 10.27
N ILE B 368 -18.09 -11.01 11.50
CA ILE B 368 -17.94 -10.18 12.68
C ILE B 368 -16.52 -9.60 12.77
N ALA B 369 -15.52 -10.43 12.51
CA ALA B 369 -14.14 -9.97 12.52
C ALA B 369 -13.91 -8.79 11.58
N ARG B 370 -14.44 -8.87 10.37
CA ARG B 370 -14.29 -7.76 9.41
C ARG B 370 -15.13 -6.55 9.78
N LEU B 371 -16.36 -6.79 10.22
CA LEU B 371 -17.21 -5.72 10.72
C LEU B 371 -16.50 -4.91 11.81
N ASN B 372 -16.08 -5.61 12.86
CA ASN B 372 -15.42 -4.98 13.99
C ASN B 372 -14.07 -4.35 13.65
N GLY B 373 -13.24 -5.09 12.92
CA GLY B 373 -11.86 -4.67 12.64
C GLY B 373 -11.74 -3.57 11.59
N GLU B 374 -12.33 -3.79 10.44
CA GLU B 374 -12.18 -2.86 9.32
C GLU B 374 -13.22 -1.75 9.42
N LEU B 375 -14.50 -2.10 9.48
CA LEU B 375 -15.57 -1.11 9.40
C LEU B 375 -15.69 -0.25 10.66
N ALA B 376 -15.67 -0.90 11.82
CA ALA B 376 -15.82 -0.17 13.08
C ALA B 376 -14.50 0.47 13.54
N ASP B 377 -13.47 -0.35 13.74
CA ASP B 377 -12.21 0.10 14.33
C ASP B 377 -11.34 0.94 13.40
N THR B 378 -11.36 0.66 12.11
CA THR B 378 -10.52 1.41 11.18
C THR B 378 -11.28 2.61 10.63
N LEU B 379 -12.38 2.34 9.93
CA LEU B 379 -13.15 3.41 9.30
C LEU B 379 -14.00 4.24 10.28
N GLY B 380 -14.87 3.56 11.02
CA GLY B 380 -15.80 4.21 11.92
C GLY B 380 -15.13 5.04 13.01
N ASN B 381 -14.16 4.43 13.69
CA ASN B 381 -13.34 5.11 14.69
C ASN B 381 -12.76 6.43 14.18
N LEU B 382 -12.25 6.40 12.96
CA LEU B 382 -11.58 7.54 12.37
C LEU B 382 -12.56 8.67 12.10
N VAL B 383 -13.72 8.28 11.58
CA VAL B 383 -14.78 9.25 11.29
C VAL B 383 -15.23 9.99 12.55
N MET B 384 -15.33 9.26 13.66
CA MET B 384 -15.73 9.86 14.93
C MET B 384 -14.63 10.78 15.49
N ARG B 385 -13.37 10.35 15.41
CA ARG B 385 -12.23 11.17 15.85
C ARG B 385 -12.20 12.56 15.23
N CYS B 386 -12.29 12.62 13.90
CA CYS B 386 -12.14 13.90 13.21
C CYS B 386 -13.38 14.79 13.25
N THR B 387 -14.50 14.23 13.72
CA THR B 387 -15.74 14.99 13.90
C THR B 387 -16.12 15.19 15.36
N SER B 388 -15.32 14.64 16.28
CA SER B 388 -15.59 14.76 17.70
C SER B 388 -15.52 16.21 18.19
N ALA B 389 -16.44 16.60 19.06
CA ALA B 389 -16.42 17.93 19.66
C ALA B 389 -15.17 18.17 20.50
N LYS B 390 -14.61 17.09 21.06
CA LYS B 390 -13.39 17.17 21.87
C LYS B 390 -12.21 17.62 21.01
N ILE B 391 -12.13 17.10 19.80
CA ILE B 391 -10.99 17.34 18.92
C ILE B 391 -11.27 18.49 17.95
N ASN B 392 -12.38 18.38 17.22
CA ASN B 392 -12.85 19.43 16.32
C ASN B 392 -13.77 20.36 17.09
N VAL B 393 -13.19 21.28 17.86
CA VAL B 393 -13.98 22.12 18.76
C VAL B 393 -14.86 23.11 18.01
N ASN B 394 -14.45 23.53 16.82
CA ASN B 394 -15.23 24.49 16.03
C ASN B 394 -16.24 23.89 15.06
N GLY B 395 -16.27 22.55 14.98
CA GLY B 395 -17.19 21.85 14.09
C GLY B 395 -17.08 22.32 12.65
N GLU B 396 -15.85 22.34 12.13
CA GLU B 396 -15.61 22.80 10.76
C GLU B 396 -14.33 22.22 10.17
N TRP B 397 -14.17 22.38 8.86
CA TRP B 397 -12.91 22.07 8.21
C TRP B 397 -11.94 23.22 8.47
N PRO B 398 -10.85 22.95 9.20
CA PRO B 398 -9.96 24.06 9.51
C PRO B 398 -9.00 24.33 8.36
N SER B 399 -8.41 25.52 8.38
CA SER B 399 -7.41 25.88 7.41
C SER B 399 -6.04 25.37 7.87
N PRO B 400 -5.35 24.57 7.05
CA PRO B 400 -4.08 24.00 7.51
C PRO B 400 -2.97 25.03 7.63
N ALA B 401 -2.04 24.81 8.55
CA ALA B 401 -0.78 25.57 8.63
C ALA B 401 0.25 24.85 7.77
N ALA B 402 1.54 25.12 8.01
CA ALA B 402 2.58 24.52 7.20
C ALA B 402 2.65 23.01 7.40
N TYR B 403 2.96 22.31 6.33
CA TYR B 403 3.02 20.87 6.33
C TYR B 403 4.42 20.38 6.68
N THR B 404 4.49 19.38 7.55
CA THR B 404 5.74 18.69 7.81
C THR B 404 5.96 17.61 6.76
N GLU B 405 7.15 17.03 6.77
CA GLU B 405 7.44 15.91 5.90
C GLU B 405 6.51 14.72 6.20
N GLU B 406 6.21 14.50 7.48
CA GLU B 406 5.26 13.45 7.86
C GLU B 406 3.86 13.71 7.32
N ASP B 407 3.40 14.94 7.43
CA ASP B 407 2.14 15.35 6.82
C ASP B 407 2.16 15.04 5.34
N GLU B 408 3.25 15.40 4.68
CA GLU B 408 3.35 15.25 3.24
C GLU B 408 3.32 13.79 2.84
N SER B 409 3.89 12.90 3.65
CA SER B 409 3.90 11.48 3.31
C SER B 409 2.48 10.94 3.29
N LEU B 410 1.68 11.35 4.27
CA LEU B 410 0.28 10.94 4.30
C LEU B 410 -0.53 11.55 3.14
N ILE B 411 -0.30 12.85 2.89
CA ILE B 411 -0.93 13.55 1.78
C ILE B 411 -0.63 12.87 0.45
N GLN B 412 0.60 12.39 0.28
CA GLN B 412 0.97 11.72 -0.94
C GLN B 412 0.11 10.48 -1.17
N LEU B 413 -0.11 9.71 -0.09
CA LEU B 413 -0.89 8.49 -0.17
C LEU B 413 -2.32 8.79 -0.58
N ILE B 414 -2.86 9.86 -0.04
CA ILE B 414 -4.23 10.25 -0.32
C ILE B 414 -4.36 10.71 -1.77
N LYS B 415 -3.39 11.48 -2.25
CA LYS B 415 -3.37 11.91 -3.65
C LYS B 415 -3.21 10.74 -4.63
N ASP B 416 -2.41 9.74 -4.27
CA ASP B 416 -2.17 8.61 -5.16
C ASP B 416 -3.36 7.65 -5.21
N LEU B 417 -4.17 7.64 -4.16
CA LEU B 417 -5.22 6.66 -4.01
C LEU B 417 -6.25 6.60 -5.16
N PRO B 418 -6.77 7.75 -5.61
CA PRO B 418 -7.78 7.64 -6.67
C PRO B 418 -7.30 6.95 -7.93
N GLY B 419 -6.10 7.26 -8.38
CA GLY B 419 -5.56 6.61 -9.58
C GLY B 419 -5.35 5.10 -9.38
N THR B 420 -4.95 4.74 -8.17
CA THR B 420 -4.70 3.35 -7.85
C THR B 420 -6.04 2.59 -7.81
N ALA B 421 -7.00 3.16 -7.09
CA ALA B 421 -8.30 2.55 -6.96
C ALA B 421 -9.01 2.50 -8.31
N ASP B 422 -8.86 3.56 -9.11
CA ASP B 422 -9.42 3.59 -10.45
C ASP B 422 -8.98 2.39 -11.30
N HIS B 423 -7.68 2.13 -11.35
CA HIS B 423 -7.18 1.00 -12.11
C HIS B 423 -7.78 -0.32 -11.61
N TYR B 424 -7.89 -0.46 -10.29
CA TYR B 424 -8.43 -1.69 -9.74
C TYR B 424 -9.89 -1.88 -10.14
N TYR B 425 -10.68 -0.83 -9.97
CA TYR B 425 -12.09 -0.86 -10.36
C TYR B 425 -12.26 -1.19 -11.82
N LEU B 426 -11.32 -0.77 -12.65
CA LEU B 426 -11.44 -0.98 -14.09
C LEU B 426 -10.99 -2.36 -14.54
N ILE B 427 -10.23 -3.09 -13.72
CA ILE B 427 -9.74 -4.41 -14.10
C ILE B 427 -10.86 -5.36 -14.56
N PRO B 428 -11.93 -5.58 -13.79
CA PRO B 428 -12.17 -5.02 -12.47
C PRO B 428 -11.75 -6.00 -11.38
N ASP B 429 -11.23 -5.47 -10.28
CA ASP B 429 -10.85 -6.27 -9.12
C ASP B 429 -11.23 -5.45 -7.92
N ILE B 430 -12.45 -5.67 -7.46
CA ILE B 430 -13.04 -4.88 -6.42
C ILE B 430 -12.36 -5.13 -5.08
N GLN B 431 -11.94 -6.38 -4.85
CA GLN B 431 -11.25 -6.72 -3.62
C GLN B 431 -10.00 -5.83 -3.44
N LYS B 432 -9.22 -5.69 -4.50
CA LYS B 432 -7.99 -4.90 -4.44
C LYS B 432 -8.27 -3.41 -4.28
N ALA B 433 -9.36 -2.95 -4.88
CA ALA B 433 -9.74 -1.56 -4.75
C ALA B 433 -10.05 -1.28 -3.29
N ILE B 434 -10.74 -2.23 -2.64
CA ILE B 434 -11.08 -2.06 -1.23
C ILE B 434 -9.80 -2.06 -0.38
N ILE B 435 -8.94 -3.03 -0.62
CA ILE B 435 -7.70 -3.14 0.13
C ILE B 435 -6.88 -1.86 -0.01
N ALA B 436 -6.80 -1.31 -1.21
CA ALA B 436 -6.03 -0.10 -1.43
C ALA B 436 -6.57 1.07 -0.60
N VAL B 437 -7.89 1.20 -0.53
CA VAL B 437 -8.46 2.26 0.25
C VAL B 437 -8.18 2.04 1.73
N PHE B 438 -8.36 0.81 2.21
CA PHE B 438 -8.16 0.55 3.61
C PHE B 438 -6.69 0.63 4.03
N ASP B 439 -5.78 0.49 3.07
CA ASP B 439 -4.36 0.69 3.36
C ASP B 439 -4.18 2.16 3.68
N VAL B 440 -4.88 3.02 2.95
CA VAL B 440 -4.79 4.45 3.23
C VAL B 440 -5.48 4.77 4.55
N LEU B 441 -6.60 4.11 4.84
CA LEU B 441 -7.27 4.36 6.12
C LEU B 441 -6.41 3.97 7.31
N ARG B 442 -5.72 2.84 7.23
CA ARG B 442 -4.80 2.44 8.29
C ARG B 442 -3.71 3.51 8.45
N ALA B 443 -3.18 4.01 7.34
CA ALA B 443 -2.14 5.03 7.38
C ALA B 443 -2.61 6.30 8.08
N ILE B 444 -3.83 6.73 7.77
CA ILE B 444 -4.42 7.90 8.40
C ILE B 444 -4.57 7.67 9.90
N ASN B 445 -5.09 6.50 10.28
CA ASN B 445 -5.21 6.14 11.70
C ASN B 445 -3.88 6.23 12.43
N ALA B 446 -2.81 5.74 11.79
CA ALA B 446 -1.49 5.76 12.39
C ALA B 446 -0.98 7.19 12.56
N TYR B 447 -1.25 8.02 11.55
CA TYR B 447 -0.90 9.44 11.59
C TYR B 447 -1.60 10.12 12.76
N VAL B 448 -2.90 9.85 12.91
CA VAL B 448 -3.67 10.43 14.01
C VAL B 448 -3.09 10.00 15.36
N THR B 449 -2.75 8.71 15.48
CA THR B 449 -2.13 8.20 16.69
C THR B 449 -0.79 8.89 16.98
N ASP B 450 0.04 9.09 15.96
CA ASP B 450 1.32 9.77 16.14
C ASP B 450 1.16 11.25 16.47
N MET B 451 0.20 11.91 15.87
CA MET B 451 0.02 13.34 16.10
C MET B 451 -0.78 13.65 17.37
N ALA B 452 -1.57 12.68 17.84
CA ALA B 452 -2.35 12.81 19.08
C ALA B 452 -3.11 14.14 19.18
N PRO B 453 -4.06 14.37 18.25
CA PRO B 453 -4.74 15.68 18.16
C PRO B 453 -5.48 16.08 19.44
N TRP B 454 -5.93 15.10 20.21
CA TRP B 454 -6.55 15.35 21.51
C TRP B 454 -5.66 16.14 22.46
N LYS B 455 -4.36 15.85 22.44
CA LYS B 455 -3.40 16.64 23.24
C LYS B 455 -3.18 18.03 22.63
N LEU B 456 -3.19 18.10 21.30
CA LEU B 456 -2.90 19.35 20.59
C LEU B 456 -3.91 20.46 20.83
N VAL B 457 -5.15 20.11 21.17
CA VAL B 457 -6.20 21.11 21.42
C VAL B 457 -5.73 22.16 22.46
N LYS B 458 -5.08 21.70 23.53
CA LYS B 458 -4.58 22.61 24.58
C LYS B 458 -3.15 23.09 24.28
N THR B 459 -2.34 22.24 23.66
CA THR B 459 -0.92 22.51 23.48
C THR B 459 -0.61 23.40 22.28
N ASP B 460 -1.12 23.00 21.11
CA ASP B 460 -0.68 23.57 19.84
C ASP B 460 -1.85 23.65 18.86
N PRO B 461 -2.72 24.67 19.01
CA PRO B 461 -3.90 24.81 18.15
C PRO B 461 -3.55 24.93 16.67
N GLU B 462 -2.48 25.65 16.37
CA GLU B 462 -2.05 25.87 15.01
C GLU B 462 -1.73 24.54 14.35
N ARG B 463 -0.98 23.71 15.07
CA ARG B 463 -0.62 22.38 14.59
C ARG B 463 -1.86 21.47 14.43
N LEU B 464 -2.81 21.57 15.35
CA LEU B 464 -4.05 20.80 15.24
C LEU B 464 -4.79 21.11 13.94
N ARG B 465 -4.86 22.38 13.58
CA ARG B 465 -5.51 22.79 12.33
C ARG B 465 -5.01 21.95 11.17
N THR B 466 -3.69 21.82 11.07
CA THR B 466 -3.07 21.10 9.98
C THR B 466 -3.41 19.61 10.04
N VAL B 467 -3.28 19.03 11.23
CA VAL B 467 -3.50 17.59 11.43
C VAL B 467 -4.95 17.25 11.13
N LEU B 468 -5.84 18.06 11.67
CA LEU B 468 -7.26 17.83 11.54
C LEU B 468 -7.70 17.92 10.09
N TYR B 469 -7.18 18.92 9.38
CA TYR B 469 -7.56 19.12 7.97
C TYR B 469 -7.17 17.93 7.10
N ILE B 470 -5.95 17.44 7.26
CA ILE B 470 -5.47 16.30 6.51
C ILE B 470 -6.32 15.06 6.83
N THR B 471 -6.66 14.89 8.10
CA THR B 471 -7.47 13.75 8.52
C THR B 471 -8.83 13.79 7.86
N LEU B 472 -9.47 14.96 7.96
CA LEU B 472 -10.78 15.13 7.35
C LEU B 472 -10.72 14.82 5.85
N GLU B 473 -9.74 15.39 5.17
CA GLU B 473 -9.62 15.22 3.73
C GLU B 473 -9.34 13.77 3.36
N GLY B 474 -8.53 13.09 4.16
CA GLY B 474 -8.28 11.67 3.94
C GLY B 474 -9.54 10.84 4.07
N VAL B 475 -10.37 11.18 5.05
CA VAL B 475 -11.60 10.45 5.25
C VAL B 475 -12.53 10.70 4.07
N ARG B 476 -12.64 11.94 3.62
CA ARG B 476 -13.50 12.28 2.49
C ARG B 476 -13.13 11.45 1.27
N VAL B 477 -11.84 11.44 0.93
CA VAL B 477 -11.39 10.80 -0.29
C VAL B 477 -11.55 9.30 -0.25
N THR B 478 -11.16 8.69 0.86
CA THR B 478 -11.33 7.25 1.02
C THR B 478 -12.80 6.88 0.94
N THR B 479 -13.64 7.68 1.59
CA THR B 479 -15.07 7.41 1.65
C THR B 479 -15.70 7.54 0.25
N LEU B 480 -15.24 8.52 -0.52
CA LEU B 480 -15.72 8.72 -1.88
C LEU B 480 -15.43 7.46 -2.68
N LEU B 481 -14.21 6.97 -2.60
CA LEU B 481 -13.83 5.78 -3.34
C LEU B 481 -14.45 4.50 -2.79
N LEU B 482 -14.92 4.54 -1.55
CA LEU B 482 -15.70 3.45 -0.95
C LEU B 482 -17.20 3.58 -1.15
N SER B 483 -17.67 4.68 -1.70
CA SER B 483 -19.11 4.90 -1.80
C SER B 483 -19.82 3.85 -2.67
N PRO B 484 -19.16 3.31 -3.71
CA PRO B 484 -19.79 2.20 -4.43
C PRO B 484 -19.97 0.92 -3.61
N ILE B 485 -19.13 0.74 -2.59
CA ILE B 485 -19.18 -0.44 -1.72
C ILE B 485 -20.14 -0.21 -0.55
N LEU B 486 -20.10 0.99 0.02
CA LEU B 486 -20.93 1.35 1.17
C LEU B 486 -21.81 2.54 0.80
N PRO B 487 -22.80 2.33 -0.07
CA PRO B 487 -23.55 3.46 -0.60
C PRO B 487 -24.31 4.29 0.44
N ARG B 488 -24.94 3.62 1.40
CA ARG B 488 -25.69 4.34 2.44
C ARG B 488 -24.78 4.90 3.51
N LYS B 489 -23.81 4.11 3.95
CA LYS B 489 -22.88 4.57 4.98
C LYS B 489 -22.01 5.73 4.49
N SER B 490 -21.68 5.76 3.21
CA SER B 490 -20.89 6.87 2.66
C SER B 490 -21.65 8.19 2.78
N VAL B 491 -22.97 8.11 2.62
CA VAL B 491 -23.84 9.28 2.73
C VAL B 491 -23.82 9.78 4.16
N VAL B 492 -23.93 8.85 5.11
CA VAL B 492 -23.90 9.21 6.53
C VAL B 492 -22.58 9.91 6.86
N ILE B 493 -21.48 9.39 6.32
CA ILE B 493 -20.16 9.91 6.61
C ILE B 493 -20.03 11.31 6.02
N PHE B 494 -20.38 11.47 4.74
CA PHE B 494 -20.35 12.79 4.13
C PHE B 494 -21.24 13.78 4.90
N ASP B 495 -22.40 13.32 5.37
CA ASP B 495 -23.28 14.15 6.17
C ASP B 495 -22.58 14.65 7.44
N MET B 496 -21.86 13.75 8.12
CA MET B 496 -21.12 14.13 9.33
C MET B 496 -20.02 15.14 9.01
N LEU B 497 -19.33 14.94 7.90
CA LEU B 497 -18.28 15.85 7.48
C LEU B 497 -18.80 17.17 6.93
N GLY B 498 -20.10 17.27 6.67
CA GLY B 498 -20.67 18.45 6.04
C GLY B 498 -20.20 18.68 4.61
N VAL B 499 -19.88 17.59 3.91
CA VAL B 499 -19.49 17.68 2.50
C VAL B 499 -20.70 18.02 1.65
N PRO B 500 -20.65 19.13 0.91
CA PRO B 500 -21.77 19.45 0.01
C PRO B 500 -21.99 18.36 -1.06
N GLU B 501 -23.25 18.19 -1.45
CA GLU B 501 -23.64 17.22 -2.46
C GLU B 501 -22.76 17.25 -3.70
N VAL B 502 -22.52 18.44 -4.23
CA VAL B 502 -21.73 18.60 -5.43
C VAL B 502 -20.36 17.88 -5.31
N HIS B 503 -19.80 17.86 -4.12
CA HIS B 503 -18.49 17.23 -3.91
C HIS B 503 -18.54 15.73 -3.63
N ARG B 504 -19.74 15.15 -3.66
CA ARG B 504 -19.90 13.72 -3.37
C ARG B 504 -19.79 12.84 -4.60
N LYS B 505 -19.59 13.46 -5.76
CA LYS B 505 -19.38 12.70 -7.00
C LYS B 505 -18.52 13.50 -7.99
N GLY B 506 -18.06 12.85 -9.03
CA GLY B 506 -17.30 13.49 -10.10
C GLY B 506 -15.82 13.35 -9.91
N ILE B 507 -15.13 13.06 -11.01
CA ILE B 507 -13.68 12.83 -11.00
C ILE B 507 -12.87 14.04 -10.51
N GLU B 508 -13.38 15.25 -10.77
CA GLU B 508 -12.77 16.46 -10.24
C GLU B 508 -12.66 16.45 -8.71
N ASN B 509 -13.56 15.74 -8.02
CA ASN B 509 -13.52 15.64 -6.55
C ASN B 509 -12.68 14.51 -5.97
N PHE B 510 -12.07 13.71 -6.85
CA PHE B 510 -11.04 12.77 -6.44
C PHE B 510 -9.80 13.53 -5.95
N GLU B 511 -9.63 14.78 -6.39
CA GLU B 511 -8.45 15.57 -6.05
C GLU B 511 -8.41 16.05 -4.60
N PHE B 512 -7.21 15.99 -4.02
CA PHE B 512 -6.96 16.47 -2.67
C PHE B 512 -7.27 17.95 -2.60
N GLY B 513 -8.07 18.35 -1.61
CA GLY B 513 -8.34 19.76 -1.35
C GLY B 513 -9.62 20.29 -1.97
N ALA B 514 -10.51 19.41 -2.40
CA ALA B 514 -11.72 19.82 -3.12
C ALA B 514 -12.76 20.49 -2.22
N VAL B 515 -12.68 20.24 -0.91
CA VAL B 515 -13.58 20.84 0.06
C VAL B 515 -12.84 21.92 0.84
N PRO B 516 -13.25 23.18 0.67
CA PRO B 516 -12.48 24.29 1.25
C PRO B 516 -12.59 24.40 2.76
N PRO B 517 -11.52 24.84 3.41
CA PRO B 517 -11.61 25.20 4.83
C PRO B 517 -12.75 26.18 5.12
N GLY B 518 -13.35 26.07 6.30
CA GLY B 518 -14.52 26.87 6.68
C GLY B 518 -15.83 26.12 6.49
N THR B 519 -15.80 25.03 5.71
CA THR B 519 -16.96 24.17 5.56
C THR B 519 -17.40 23.61 6.91
N ARG B 520 -18.70 23.69 7.18
CA ARG B 520 -19.22 23.35 8.49
C ARG B 520 -19.52 21.87 8.52
N LEU B 521 -19.26 21.24 9.66
CA LEU B 521 -19.62 19.83 9.88
C LEU B 521 -21.12 19.67 10.01
N GLY B 522 -21.59 18.44 9.85
CA GLY B 522 -23.01 18.16 9.96
C GLY B 522 -23.43 18.10 11.41
N PRO B 523 -24.75 18.18 11.68
CA PRO B 523 -25.23 18.07 13.05
C PRO B 523 -24.78 16.79 13.74
N ALA B 524 -24.66 16.85 15.06
CA ALA B 524 -24.22 15.72 15.87
C ALA B 524 -25.43 14.91 16.35
N VAL B 525 -25.49 13.62 16.01
CA VAL B 525 -26.54 12.75 16.53
C VAL B 525 -26.19 12.29 17.95
N GLU B 526 -27.12 12.44 18.88
CA GLU B 526 -26.89 12.29 20.33
C GLU B 526 -26.04 11.08 20.75
N GLY B 527 -26.28 9.92 20.15
CA GLY B 527 -25.53 8.70 20.45
C GLY B 527 -25.32 7.85 19.22
N GLU B 528 -25.01 8.50 18.09
CA GLU B 528 -24.90 7.84 16.80
C GLU B 528 -23.61 7.02 16.71
N VAL B 529 -23.72 5.87 16.04
CA VAL B 529 -22.55 5.09 15.62
C VAL B 529 -22.75 4.68 14.17
N LEU B 530 -21.64 4.61 13.45
CA LEU B 530 -21.67 4.16 12.06
C LEU B 530 -21.84 2.66 11.99
N PHE B 531 -20.94 1.94 12.66
CA PHE B 531 -20.96 0.49 12.67
C PHE B 531 -20.89 0.00 14.11
N SER B 532 -21.98 -0.59 14.58
CA SER B 532 -22.02 -1.15 15.92
C SER B 532 -21.23 -2.47 15.95
N LYS B 533 -20.25 -2.54 16.84
CA LYS B 533 -19.49 -3.77 17.07
C LYS B 533 -20.39 -4.85 17.63
N ARG B 534 -20.02 -6.11 17.39
CA ARG B 534 -20.83 -7.25 17.83
C ARG B 534 -20.01 -8.26 18.58
N SER B 535 -20.69 -9.00 19.46
CA SER B 535 -20.05 -9.91 20.39
C SER B 535 -19.22 -10.99 19.71
N THR B 536 -18.16 -11.40 20.39
CA THR B 536 -17.14 -12.29 19.85
C THR B 536 -17.55 -13.79 19.90
#